data_5Y0O
#
_entry.id   5Y0O
#
_cell.length_a   67.755
_cell.length_b   67.656
_cell.length_c   210.805
_cell.angle_alpha   90.000
_cell.angle_beta   90.000
_cell.angle_gamma   90.000
#
_symmetry.space_group_name_H-M   'P 21 21 21'
#
loop_
_entity.id
_entity.type
_entity.pdbx_description
1 polymer 'UPF0348 protein B4417_3650'
2 water water
#
_entity_poly.entity_id   1
_entity_poly.type   'polypeptide(L)'
_entity_poly.pdbx_seq_one_letter_code
;MGSSHHHHHHSSGLVPRGSHMKAVGLVVEYNPFHNGHLYHAQTAKLQTGCDTAVAVMSGHFLQRGEPAVVSKWARTKMAL
QSGVDLVIELPYLYAVQKADIFARGSVSILNELECEALFFGSENGDIKPFLETAQLIDEHKHILNDRIKEELKKGASYPA
AAAIAFSSILHTESALDLSKPNNILGYQYVTSILTGGYPMKPYTTARISSDYHDADLPEGENHIASATSIRKAMIGQNLE
ACLRFLPAASARELAAYRKSFGLWHTPESYFSYLKYSLSTVTARELQQVYEVEEGLEHRIIRSIRKSSSYQEFMELLKTK
RYTWTRLQRMNTHILTRTKKQDMQKLLDNDKAPYIRLLGMTKKGQAYLSEKKKALSVPLVSKLSSFSHPALDLDVKASRI
YSLPIEEPLRTEFDLQEYGHAPIRYDEDEQHFLNV
;
_entity_poly.pdbx_strand_id   A,B
#
# COMPACT_ATOMS: atom_id res chain seq x y z
N MET A 21 -20.22 -0.50 -43.86
CA MET A 21 -18.92 -0.82 -43.29
C MET A 21 -19.04 -1.89 -42.20
N LYS A 22 -18.26 -2.97 -42.33
CA LYS A 22 -18.54 -4.20 -41.59
C LYS A 22 -17.37 -4.69 -40.73
N ALA A 23 -17.66 -4.97 -39.46
CA ALA A 23 -16.62 -5.26 -38.47
C ALA A 23 -16.79 -6.57 -37.72
N VAL A 24 -15.65 -7.18 -37.40
CA VAL A 24 -15.61 -8.42 -36.64
C VAL A 24 -14.83 -8.21 -35.35
N GLY A 25 -15.42 -8.59 -34.23
CA GLY A 25 -14.82 -8.35 -32.93
C GLY A 25 -14.00 -9.48 -32.37
N LEU A 26 -13.04 -9.15 -31.51
CA LEU A 26 -12.24 -10.16 -30.83
C LEU A 26 -12.09 -9.81 -29.36
N VAL A 27 -12.24 -10.83 -28.51
CA VAL A 27 -12.04 -10.64 -27.08
C VAL A 27 -10.65 -11.11 -26.74
N VAL A 28 -9.82 -10.20 -26.25
CA VAL A 28 -8.39 -10.47 -26.09
C VAL A 28 -7.75 -9.82 -24.86
N GLU A 29 -6.56 -10.31 -24.54
CA GLU A 29 -5.60 -9.60 -23.72
C GLU A 29 -4.34 -9.92 -24.43
N TYR A 30 -3.57 -8.93 -24.85
CA TYR A 30 -2.49 -9.37 -25.69
C TYR A 30 -1.32 -9.45 -24.79
N ASN A 31 -1.00 -10.65 -24.32
CA ASN A 31 -0.16 -10.77 -23.15
C ASN A 31 1.06 -11.66 -23.36
N PRO A 32 1.99 -11.26 -24.25
CA PRO A 32 1.97 -10.08 -25.12
C PRO A 32 1.22 -10.35 -26.42
N PHE A 33 1.29 -9.40 -27.36
CA PHE A 33 0.79 -9.65 -28.70
C PHE A 33 1.81 -10.48 -29.47
N HIS A 34 1.35 -11.55 -30.11
CA HIS A 34 2.27 -12.36 -30.89
C HIS A 34 1.65 -12.93 -32.15
N ASN A 35 2.42 -13.78 -32.83
CA ASN A 35 2.08 -14.29 -34.16
C ASN A 35 0.76 -15.05 -34.24
N GLY A 36 0.31 -15.61 -33.12
CA GLY A 36 -0.98 -16.27 -33.08
C GLY A 36 -2.09 -15.26 -33.15
N HIS A 37 -1.97 -14.22 -32.34
CA HIS A 37 -2.95 -13.16 -32.34
C HIS A 37 -2.99 -12.50 -33.71
N LEU A 38 -1.81 -12.23 -34.25
CA LEU A 38 -1.67 -11.69 -35.59
C LEU A 38 -2.40 -12.58 -36.59
N TYR A 39 -2.32 -13.88 -36.37
CA TYR A 39 -2.98 -14.85 -37.23
C TYR A 39 -4.48 -14.82 -37.00
N HIS A 40 -4.89 -14.56 -35.76
CA HIS A 40 -6.31 -14.44 -35.43
C HIS A 40 -6.97 -13.34 -36.26
N ALA A 41 -6.37 -12.15 -36.20
CA ALA A 41 -6.87 -10.97 -36.91
C ALA A 41 -6.96 -11.19 -38.41
N GLN A 42 -6.03 -11.97 -38.94
CA GLN A 42 -6.01 -12.28 -40.36
C GLN A 42 -7.13 -13.22 -40.75
N THR A 43 -7.23 -14.34 -40.03
CA THR A 43 -8.30 -15.29 -40.26
C THR A 43 -9.66 -14.66 -40.05
N ALA A 44 -9.77 -13.87 -38.98
CA ALA A 44 -11.04 -13.31 -38.56
C ALA A 44 -11.71 -12.52 -39.66
N LYS A 45 -11.01 -11.51 -40.17
CA LYS A 45 -11.54 -10.68 -41.25
C LYS A 45 -11.94 -11.54 -42.43
N LEU A 46 -11.00 -12.37 -42.84
CA LEU A 46 -11.17 -13.34 -43.91
C LEU A 46 -12.45 -14.15 -43.71
N GLN A 47 -12.44 -14.95 -42.65
CA GLN A 47 -13.51 -15.89 -42.35
C GLN A 47 -14.89 -15.22 -42.23
N THR A 48 -14.94 -13.99 -41.73
CA THR A 48 -16.23 -13.29 -41.64
C THR A 48 -16.51 -12.37 -42.83
N GLY A 49 -15.51 -12.14 -43.67
CA GLY A 49 -15.63 -11.16 -44.73
C GLY A 49 -15.88 -9.73 -44.23
N CYS A 50 -15.07 -9.28 -43.29
CA CYS A 50 -15.19 -7.93 -42.75
C CYS A 50 -13.88 -7.18 -42.92
N ASP A 51 -13.98 -5.90 -43.26
CA ASP A 51 -12.78 -5.11 -43.54
C ASP A 51 -12.19 -4.55 -42.25
N THR A 52 -12.96 -4.62 -41.16
CA THR A 52 -12.57 -4.01 -39.89
C THR A 52 -12.55 -4.98 -38.71
N ALA A 53 -11.43 -5.00 -37.99
CA ALA A 53 -11.28 -5.85 -36.81
C ALA A 53 -11.19 -5.04 -35.51
N VAL A 54 -12.14 -5.26 -34.63
CA VAL A 54 -12.26 -4.50 -33.38
C VAL A 54 -12.06 -5.37 -32.14
N ALA A 55 -10.98 -5.14 -31.41
CA ALA A 55 -10.72 -5.94 -30.21
C ALA A 55 -11.15 -5.22 -28.94
N VAL A 56 -11.64 -6.00 -27.97
CA VAL A 56 -11.86 -5.46 -26.65
C VAL A 56 -10.86 -6.17 -25.74
N MET A 57 -9.86 -5.41 -25.28
CA MET A 57 -8.70 -5.95 -24.60
C MET A 57 -8.69 -5.64 -23.10
N SER A 58 -8.32 -6.63 -22.29
CA SER A 58 -8.17 -6.44 -20.85
C SER A 58 -7.04 -5.46 -20.58
N GLY A 59 -7.30 -4.41 -19.82
CA GLY A 59 -6.30 -3.36 -19.76
C GLY A 59 -5.04 -3.58 -18.97
N HIS A 60 -5.07 -3.50 -17.64
CA HIS A 60 -3.83 -3.74 -16.92
C HIS A 60 -3.81 -4.98 -16.04
N PHE A 61 -4.98 -5.54 -15.83
CA PHE A 61 -5.14 -6.73 -15.01
C PHE A 61 -6.13 -7.57 -15.74
N LEU A 62 -5.76 -8.81 -16.00
CA LEU A 62 -6.46 -9.61 -16.97
C LEU A 62 -7.39 -10.63 -16.30
N GLN A 63 -8.04 -11.44 -17.12
CA GLN A 63 -9.17 -12.27 -16.68
C GLN A 63 -8.75 -13.33 -15.70
N ARG A 64 -7.52 -13.80 -15.83
CA ARG A 64 -7.04 -14.86 -15.00
C ARG A 64 -6.49 -14.27 -13.68
N GLY A 65 -6.49 -12.94 -13.59
CA GLY A 65 -6.18 -12.24 -12.36
C GLY A 65 -4.84 -11.53 -12.30
N GLU A 66 -3.96 -11.82 -13.24
CA GLU A 66 -2.58 -11.34 -13.22
C GLU A 66 -2.44 -9.96 -13.88
N PRO A 67 -1.34 -9.26 -13.60
CA PRO A 67 -1.00 -8.03 -14.31
C PRO A 67 -0.42 -8.29 -15.71
N ALA A 68 -0.81 -7.46 -16.68
CA ALA A 68 -0.25 -7.56 -18.01
C ALA A 68 1.25 -7.34 -17.95
N VAL A 69 2.00 -7.99 -18.83
CA VAL A 69 3.47 -7.88 -18.81
C VAL A 69 3.95 -6.50 -19.18
N VAL A 70 3.10 -5.76 -19.87
CA VAL A 70 3.48 -4.50 -20.45
C VAL A 70 2.22 -3.66 -20.53
N SER A 71 2.40 -2.34 -20.50
CA SER A 71 1.30 -1.41 -20.48
C SER A 71 0.29 -1.68 -21.57
N LYS A 72 -0.99 -1.49 -21.25
CA LYS A 72 -2.05 -1.68 -22.22
C LYS A 72 -1.83 -0.74 -23.39
N TRP A 73 -1.13 0.36 -23.14
CA TRP A 73 -0.86 1.33 -24.19
C TRP A 73 0.14 0.78 -25.19
N ALA A 74 1.17 0.12 -24.70
CA ALA A 74 2.16 -0.47 -25.59
C ALA A 74 1.56 -1.67 -26.30
N ARG A 75 0.76 -2.47 -25.60
CA ARG A 75 0.13 -3.63 -26.23
C ARG A 75 -0.83 -3.17 -27.33
N THR A 76 -1.35 -1.95 -27.20
CA THR A 76 -2.19 -1.36 -28.23
C THR A 76 -1.38 -1.08 -29.49
N LYS A 77 -0.25 -0.40 -29.31
CA LYS A 77 0.65 -0.08 -30.40
C LYS A 77 1.06 -1.30 -31.22
N MET A 78 1.10 -2.47 -30.57
CA MET A 78 1.48 -3.71 -31.24
C MET A 78 0.37 -4.24 -32.11
N ALA A 79 -0.84 -4.20 -31.56
CA ALA A 79 -2.02 -4.68 -32.25
C ALA A 79 -2.33 -3.90 -33.51
N LEU A 80 -2.23 -2.58 -33.42
CA LEU A 80 -2.58 -1.68 -34.52
C LEU A 80 -1.67 -1.89 -35.72
N GLN A 81 -0.46 -2.36 -35.47
CA GLN A 81 0.48 -2.67 -36.54
C GLN A 81 0.31 -4.07 -37.11
N SER A 82 -0.31 -4.95 -36.34
CA SER A 82 -0.49 -6.33 -36.75
C SER A 82 -1.89 -6.66 -37.31
N GLY A 83 -2.68 -5.64 -37.61
CA GLY A 83 -3.94 -5.88 -38.28
C GLY A 83 -5.18 -5.76 -37.42
N VAL A 84 -5.03 -5.11 -36.28
CA VAL A 84 -6.18 -4.74 -35.46
C VAL A 84 -6.50 -3.26 -35.64
N ASP A 85 -7.71 -2.97 -36.08
CA ASP A 85 -8.08 -1.60 -36.47
C ASP A 85 -8.52 -0.73 -35.31
N LEU A 86 -9.20 -1.32 -34.34
CA LEU A 86 -9.63 -0.60 -33.13
C LEU A 86 -9.29 -1.39 -31.90
N VAL A 87 -8.68 -0.75 -30.92
CA VAL A 87 -8.49 -1.38 -29.62
C VAL A 87 -9.24 -0.62 -28.54
N ILE A 88 -10.25 -1.29 -27.99
CA ILE A 88 -11.08 -0.74 -26.92
C ILE A 88 -10.74 -1.46 -25.65
N GLU A 89 -10.68 -0.73 -24.54
CA GLU A 89 -10.32 -1.36 -23.27
C GLU A 89 -11.52 -2.07 -22.70
N LEU A 90 -11.30 -3.31 -22.26
CA LEU A 90 -12.28 -4.02 -21.49
C LEU A 90 -12.15 -3.58 -20.05
N PRO A 91 -13.20 -2.90 -19.55
CA PRO A 91 -13.14 -2.32 -18.21
C PRO A 91 -12.87 -3.37 -17.16
N TYR A 92 -12.09 -2.97 -16.15
CA TYR A 92 -11.78 -3.80 -15.01
C TYR A 92 -13.04 -4.48 -14.44
N LEU A 93 -14.13 -3.73 -14.47
CA LEU A 93 -15.45 -4.21 -14.10
C LEU A 93 -15.77 -5.54 -14.76
N TYR A 94 -15.46 -5.63 -16.06
CA TYR A 94 -15.70 -6.89 -16.73
C TYR A 94 -14.47 -7.77 -16.91
N ALA A 95 -13.29 -7.22 -16.70
CA ALA A 95 -12.07 -7.95 -17.03
C ALA A 95 -11.68 -8.98 -15.98
N VAL A 96 -11.70 -8.62 -14.71
CA VAL A 96 -11.29 -9.63 -13.74
C VAL A 96 -12.52 -10.27 -13.16
N GLN A 97 -12.95 -11.33 -13.82
CA GLN A 97 -14.20 -12.04 -13.52
C GLN A 97 -14.07 -13.41 -14.16
N LYS A 98 -14.79 -14.42 -13.69
CA LYS A 98 -14.74 -15.70 -14.39
C LYS A 98 -15.47 -15.53 -15.70
N ALA A 99 -15.30 -16.48 -16.60
CA ALA A 99 -15.66 -16.33 -17.99
C ALA A 99 -17.03 -15.70 -18.27
N ASP A 100 -18.06 -16.06 -17.52
CA ASP A 100 -19.43 -15.65 -17.87
C ASP A 100 -19.67 -14.13 -17.84
N ILE A 101 -19.28 -13.48 -16.74
CA ILE A 101 -19.40 -12.03 -16.63
C ILE A 101 -18.40 -11.36 -17.55
N PHE A 102 -17.24 -11.97 -17.68
CA PHE A 102 -16.23 -11.51 -18.62
C PHE A 102 -16.80 -11.43 -20.03
N ALA A 103 -17.36 -12.54 -20.53
CA ALA A 103 -17.90 -12.60 -21.88
C ALA A 103 -19.09 -11.69 -22.04
N ARG A 104 -19.86 -11.53 -20.97
CA ARG A 104 -21.06 -10.71 -21.01
C ARG A 104 -20.75 -9.29 -21.44
N GLY A 105 -19.86 -8.65 -20.71
CA GLY A 105 -19.50 -7.27 -20.98
C GLY A 105 -18.76 -7.04 -22.28
N SER A 106 -17.77 -7.87 -22.54
CA SER A 106 -16.94 -7.70 -23.73
C SER A 106 -17.80 -7.90 -24.97
N VAL A 107 -18.69 -8.89 -24.94
CA VAL A 107 -19.63 -9.10 -26.03
C VAL A 107 -20.61 -7.92 -26.11
N SER A 108 -21.05 -7.41 -24.97
CA SER A 108 -21.88 -6.21 -24.97
C SER A 108 -21.16 -5.00 -25.60
N ILE A 109 -19.88 -4.84 -25.29
CA ILE A 109 -19.09 -3.78 -25.91
C ILE A 109 -19.02 -4.00 -27.43
N LEU A 110 -18.64 -5.21 -27.83
CA LEU A 110 -18.56 -5.55 -29.25
C LEU A 110 -19.93 -5.47 -29.92
N ASN A 111 -20.98 -5.59 -29.11
CA ASN A 111 -22.32 -5.37 -29.61
C ASN A 111 -22.65 -3.87 -29.69
N GLU A 112 -22.15 -3.10 -28.72
CA GLU A 112 -22.34 -1.66 -28.71
C GLU A 112 -21.76 -1.09 -29.99
N LEU A 113 -20.66 -1.68 -30.42
CA LEU A 113 -19.91 -1.21 -31.59
C LEU A 113 -20.46 -1.80 -32.91
N GLU A 114 -21.56 -2.54 -32.82
CA GLU A 114 -22.28 -3.04 -33.99
C GLU A 114 -21.47 -4.02 -34.83
N CYS A 115 -20.69 -4.86 -34.16
CA CYS A 115 -19.99 -5.92 -34.87
C CYS A 115 -21.02 -6.93 -35.33
N GLU A 116 -21.02 -7.22 -36.61
CA GLU A 116 -21.94 -8.23 -37.09
C GLU A 116 -21.31 -9.60 -36.85
N ALA A 117 -19.99 -9.61 -36.69
CA ALA A 117 -19.28 -10.86 -36.52
C ALA A 117 -18.50 -10.89 -35.22
N LEU A 118 -18.38 -12.10 -34.67
CA LEU A 118 -17.54 -12.36 -33.49
C LEU A 118 -16.64 -13.56 -33.74
N PHE A 119 -15.34 -13.35 -33.69
CA PHE A 119 -14.37 -14.41 -33.98
C PHE A 119 -13.62 -14.83 -32.73
N PHE A 120 -13.75 -16.09 -32.32
CA PHE A 120 -13.06 -16.57 -31.12
C PHE A 120 -12.28 -17.85 -31.38
N GLY A 121 -11.31 -18.12 -30.50
CA GLY A 121 -10.43 -19.26 -30.68
C GLY A 121 -10.94 -20.48 -29.97
N SER A 122 -10.48 -21.64 -30.41
CA SER A 122 -10.89 -22.90 -29.83
C SER A 122 -10.01 -24.02 -30.33
N GLU A 123 -10.31 -25.22 -29.89
CA GLU A 123 -9.66 -26.41 -30.43
C GLU A 123 -10.19 -26.70 -31.83
N ASN A 124 -11.49 -26.51 -32.04
CA ASN A 124 -12.12 -26.77 -33.33
C ASN A 124 -12.14 -25.56 -34.24
N GLY A 125 -12.58 -25.76 -35.47
CA GLY A 125 -12.92 -24.65 -36.34
C GLY A 125 -14.42 -24.63 -36.48
N ASP A 126 -15.07 -25.50 -35.72
CA ASP A 126 -16.49 -25.75 -35.88
C ASP A 126 -17.31 -24.93 -34.92
N ILE A 127 -18.07 -23.98 -35.46
CA ILE A 127 -18.88 -23.11 -34.64
C ILE A 127 -20.12 -23.85 -34.14
N LYS A 128 -20.52 -24.87 -34.88
CA LYS A 128 -21.77 -25.59 -34.61
C LYS A 128 -21.85 -26.15 -33.20
N PRO A 129 -20.84 -26.93 -32.75
CA PRO A 129 -20.93 -27.42 -31.37
C PRO A 129 -21.15 -26.29 -30.34
N PHE A 130 -20.49 -25.16 -30.53
CA PHE A 130 -20.67 -24.01 -29.64
C PHE A 130 -22.10 -23.56 -29.65
N LEU A 131 -22.67 -23.55 -30.84
CA LEU A 131 -24.01 -23.03 -31.06
C LEU A 131 -25.05 -23.99 -30.50
N GLU A 132 -24.86 -25.26 -30.77
CA GLU A 132 -25.90 -26.23 -30.47
C GLU A 132 -25.99 -26.45 -28.97
N THR A 133 -24.85 -26.45 -28.30
CA THR A 133 -24.82 -26.64 -26.85
C THR A 133 -25.48 -25.50 -26.10
N ALA A 134 -25.14 -24.28 -26.52
CA ALA A 134 -25.69 -23.09 -25.93
C ALA A 134 -27.21 -23.15 -25.90
N GLN A 135 -27.78 -23.63 -26.99
CA GLN A 135 -29.23 -23.73 -27.11
C GLN A 135 -29.79 -24.75 -26.13
N LEU A 136 -29.17 -25.93 -26.09
CA LEU A 136 -29.65 -27.03 -25.27
C LEU A 136 -29.80 -26.62 -23.82
N ILE A 137 -28.79 -25.93 -23.30
CA ILE A 137 -28.83 -25.49 -21.93
C ILE A 137 -29.77 -24.31 -21.73
N ASP A 138 -29.83 -23.42 -22.73
CA ASP A 138 -30.82 -22.36 -22.73
C ASP A 138 -32.20 -23.00 -22.69
N GLU A 139 -32.36 -24.05 -23.48
CA GLU A 139 -33.61 -24.77 -23.60
C GLU A 139 -33.97 -25.54 -22.32
N HIS A 140 -32.96 -26.12 -21.67
CA HIS A 140 -33.18 -26.99 -20.51
C HIS A 140 -33.05 -26.32 -19.15
N LYS A 141 -32.73 -25.03 -19.14
CA LYS A 141 -32.30 -24.37 -17.92
C LYS A 141 -33.26 -24.55 -16.75
N HIS A 142 -34.55 -24.51 -17.03
CA HIS A 142 -35.53 -24.74 -15.98
C HIS A 142 -35.36 -26.12 -15.34
N ILE A 143 -35.17 -27.15 -16.16
CA ILE A 143 -34.86 -28.48 -15.66
C ILE A 143 -33.57 -28.50 -14.84
N LEU A 144 -32.56 -27.81 -15.35
CA LEU A 144 -31.25 -27.80 -14.72
C LEU A 144 -31.28 -27.13 -13.35
N ASN A 145 -31.99 -26.01 -13.23
CA ASN A 145 -32.18 -25.40 -11.92
C ASN A 145 -32.89 -26.37 -11.00
N ASP A 146 -33.91 -27.02 -11.56
CA ASP A 146 -34.75 -27.92 -10.79
C ASP A 146 -34.09 -29.26 -10.51
N ARG A 147 -33.18 -29.69 -11.40
CA ARG A 147 -32.44 -30.93 -11.18
C ARG A 147 -31.26 -30.70 -10.24
N ILE A 148 -30.75 -29.47 -10.21
CA ILE A 148 -29.81 -29.06 -9.17
C ILE A 148 -30.53 -29.10 -7.85
N LYS A 149 -31.75 -28.56 -7.85
CA LYS A 149 -32.61 -28.52 -6.70
C LYS A 149 -32.72 -29.90 -6.05
N GLU A 150 -33.14 -30.86 -6.84
CA GLU A 150 -33.29 -32.26 -6.42
C GLU A 150 -32.01 -32.80 -5.78
N GLU A 151 -30.87 -32.46 -6.37
CA GLU A 151 -29.58 -32.96 -5.90
C GLU A 151 -29.11 -32.25 -4.67
N LEU A 152 -29.24 -30.93 -4.69
CA LEU A 152 -28.84 -30.11 -3.56
C LEU A 152 -29.55 -30.55 -2.28
N LYS A 153 -30.81 -30.94 -2.40
CA LYS A 153 -31.56 -31.35 -1.22
C LYS A 153 -31.27 -32.82 -0.88
N LYS A 154 -30.38 -33.45 -1.65
CA LYS A 154 -29.82 -34.75 -1.27
C LYS A 154 -28.55 -34.53 -0.47
N GLY A 155 -28.11 -33.28 -0.41
CA GLY A 155 -26.95 -32.89 0.35
C GLY A 155 -25.69 -32.68 -0.47
N ALA A 156 -25.83 -32.61 -1.79
CA ALA A 156 -24.69 -32.39 -2.67
C ALA A 156 -24.23 -30.95 -2.56
N SER A 157 -22.96 -30.69 -2.84
CA SER A 157 -22.50 -29.32 -2.94
C SER A 157 -23.18 -28.75 -4.13
N TYR A 158 -23.20 -27.44 -4.21
CA TYR A 158 -23.77 -26.79 -5.37
C TYR A 158 -23.05 -27.24 -6.66
N PRO A 159 -21.70 -27.10 -6.73
CA PRO A 159 -21.02 -27.52 -7.97
C PRO A 159 -21.18 -28.99 -8.31
N ALA A 160 -21.42 -29.83 -7.30
CA ALA A 160 -21.69 -31.24 -7.51
C ALA A 160 -23.06 -31.44 -8.15
N ALA A 161 -24.07 -30.82 -7.54
CA ALA A 161 -25.43 -30.91 -8.03
C ALA A 161 -25.46 -30.39 -9.46
N ALA A 162 -24.76 -29.28 -9.66
CA ALA A 162 -24.61 -28.70 -10.98
C ALA A 162 -24.11 -29.73 -11.96
N ALA A 163 -23.03 -30.39 -11.58
CA ALA A 163 -22.43 -31.44 -12.42
C ALA A 163 -23.39 -32.56 -12.67
N ILE A 164 -24.31 -32.77 -11.74
CA ILE A 164 -25.26 -33.84 -11.89
C ILE A 164 -26.37 -33.49 -12.85
N ALA A 165 -26.95 -32.31 -12.67
CA ALA A 165 -27.95 -31.82 -13.60
C ALA A 165 -27.37 -31.72 -15.02
N PHE A 166 -26.23 -31.06 -15.10
CA PHE A 166 -25.50 -30.92 -16.34
C PHE A 166 -25.06 -32.24 -16.97
N SER A 167 -25.00 -33.32 -16.21
CA SER A 167 -24.61 -34.61 -16.78
C SER A 167 -25.78 -35.43 -17.28
N SER A 168 -26.99 -35.08 -16.84
CA SER A 168 -28.17 -35.85 -17.19
C SER A 168 -28.51 -35.58 -18.63
N ILE A 169 -28.17 -34.36 -19.02
CA ILE A 169 -28.24 -33.93 -20.40
C ILE A 169 -26.81 -33.57 -20.69
N LEU A 170 -26.48 -33.39 -21.96
CA LEU A 170 -25.15 -32.94 -22.41
C LEU A 170 -24.09 -34.03 -22.43
N HIS A 171 -24.32 -35.16 -21.77
CA HIS A 171 -23.30 -36.19 -21.82
C HIS A 171 -23.67 -37.09 -22.99
N THR A 172 -22.88 -36.96 -24.04
CA THR A 172 -23.13 -37.60 -25.31
C THR A 172 -21.86 -37.48 -26.14
N GLU A 173 -21.87 -38.07 -27.33
CA GLU A 173 -20.72 -38.00 -28.22
C GLU A 173 -20.54 -36.60 -28.81
N SER A 174 -21.47 -35.70 -28.49
CA SER A 174 -21.35 -34.28 -28.87
C SER A 174 -20.03 -33.68 -28.37
N ALA A 175 -19.49 -34.28 -27.32
CA ALA A 175 -18.16 -33.93 -26.82
C ALA A 175 -18.04 -32.42 -26.61
N LEU A 176 -17.09 -31.79 -27.31
CA LEU A 176 -16.77 -30.37 -27.10
C LEU A 176 -16.37 -30.14 -25.65
N ASP A 177 -15.16 -30.51 -25.28
CA ASP A 177 -14.74 -30.41 -23.88
C ASP A 177 -15.03 -29.02 -23.41
N LEU A 178 -15.81 -28.96 -22.35
CA LEU A 178 -16.26 -27.71 -21.79
C LEU A 178 -15.29 -27.27 -20.71
N SER A 179 -14.17 -27.98 -20.58
CA SER A 179 -12.99 -27.29 -20.10
C SER A 179 -11.87 -27.40 -21.11
N LYS A 180 -11.75 -26.40 -21.98
CA LYS A 180 -10.56 -26.11 -22.79
C LYS A 180 -10.56 -24.60 -23.01
N PRO A 181 -10.23 -23.79 -22.00
CA PRO A 181 -10.94 -22.52 -22.01
C PRO A 181 -10.56 -21.49 -23.07
N ASN A 182 -10.37 -21.93 -24.30
CA ASN A 182 -10.80 -21.15 -25.45
C ASN A 182 -12.25 -21.58 -25.62
N ASN A 183 -12.44 -22.89 -25.45
CA ASN A 183 -13.73 -23.55 -25.54
C ASN A 183 -14.66 -23.12 -24.43
N ILE A 184 -14.13 -23.00 -23.22
CA ILE A 184 -14.92 -22.51 -22.11
C ILE A 184 -15.33 -21.07 -22.40
N LEU A 185 -14.38 -20.30 -22.92
CA LEU A 185 -14.62 -18.92 -23.30
C LEU A 185 -15.73 -18.81 -24.36
N GLY A 186 -15.58 -19.56 -25.44
CA GLY A 186 -16.51 -19.50 -26.55
C GLY A 186 -17.97 -19.78 -26.22
N TYR A 187 -18.20 -20.77 -25.37
CA TYR A 187 -19.55 -21.12 -24.97
C TYR A 187 -20.28 -19.91 -24.45
N GLN A 188 -19.53 -19.09 -23.70
CA GLN A 188 -20.03 -17.94 -22.98
C GLN A 188 -20.24 -16.73 -23.86
N TYR A 189 -19.55 -16.71 -24.99
CA TYR A 189 -19.83 -15.68 -25.96
C TYR A 189 -21.19 -15.95 -26.57
N VAL A 190 -21.36 -17.15 -27.10
CA VAL A 190 -22.60 -17.53 -27.79
C VAL A 190 -23.78 -17.41 -26.83
N THR A 191 -23.54 -17.81 -25.58
CA THR A 191 -24.50 -17.67 -24.50
C THR A 191 -24.96 -16.22 -24.34
N SER A 192 -24.00 -15.31 -24.27
CA SER A 192 -24.29 -13.91 -24.01
C SER A 192 -24.96 -13.28 -25.22
N ILE A 193 -24.51 -13.66 -26.41
CA ILE A 193 -25.17 -13.22 -27.63
C ILE A 193 -26.61 -13.68 -27.69
N LEU A 194 -26.84 -14.94 -27.31
CA LEU A 194 -28.17 -15.56 -27.43
C LEU A 194 -29.17 -15.10 -26.37
N THR A 195 -28.69 -14.91 -25.14
CA THR A 195 -29.55 -14.41 -24.08
C THR A 195 -29.61 -12.89 -24.17
N GLY A 196 -28.71 -12.32 -24.96
CA GLY A 196 -28.70 -10.89 -25.23
C GLY A 196 -29.31 -10.51 -26.58
N GLY A 197 -29.54 -11.52 -27.43
CA GLY A 197 -30.20 -11.31 -28.72
C GLY A 197 -29.45 -10.39 -29.65
N TYR A 198 -28.15 -10.62 -29.78
CA TYR A 198 -27.30 -9.77 -30.58
C TYR A 198 -27.34 -10.19 -32.04
N PRO A 199 -27.44 -9.20 -32.94
CA PRO A 199 -27.43 -9.38 -34.39
C PRO A 199 -26.01 -9.60 -34.84
N MET A 200 -25.45 -10.70 -34.36
CA MET A 200 -24.02 -10.89 -34.42
C MET A 200 -23.73 -12.35 -34.68
N LYS A 201 -22.88 -12.64 -35.66
CA LYS A 201 -22.56 -14.03 -35.92
C LYS A 201 -21.20 -14.37 -35.35
N PRO A 202 -21.17 -15.36 -34.46
CA PRO A 202 -19.93 -15.97 -33.94
C PRO A 202 -19.18 -16.85 -34.94
N TYR A 203 -17.87 -16.65 -35.06
CA TYR A 203 -17.02 -17.48 -35.91
C TYR A 203 -15.88 -18.04 -35.07
N THR A 204 -15.32 -19.16 -35.50
CA THR A 204 -14.16 -19.74 -34.83
C THR A 204 -13.34 -20.61 -35.79
N THR A 205 -12.03 -20.70 -35.54
CA THR A 205 -11.18 -21.69 -36.21
C THR A 205 -10.30 -22.37 -35.21
N ALA A 206 -9.79 -23.54 -35.57
CA ALA A 206 -8.89 -24.27 -34.71
C ALA A 206 -7.61 -23.48 -34.49
N ARG A 207 -6.98 -23.69 -33.34
CA ARG A 207 -5.67 -23.11 -33.09
C ARG A 207 -4.62 -24.11 -33.52
N ILE A 208 -3.34 -23.71 -33.47
CA ILE A 208 -2.26 -24.66 -33.72
C ILE A 208 -1.23 -24.60 -32.60
N SER A 209 -0.95 -25.77 -32.05
CA SER A 209 0.15 -26.01 -31.11
C SER A 209 0.14 -25.19 -29.81
N SER A 210 1.27 -24.59 -29.42
CA SER A 210 1.84 -24.94 -28.11
C SER A 210 0.75 -25.06 -27.06
N ASP A 211 0.57 -26.33 -26.67
CA ASP A 211 -0.40 -26.76 -25.70
C ASP A 211 -1.68 -25.96 -25.81
N TYR A 212 -2.15 -25.53 -24.66
CA TYR A 212 -3.02 -24.38 -24.55
C TYR A 212 -2.10 -23.34 -23.96
N HIS A 213 -1.58 -23.68 -22.79
CA HIS A 213 -0.61 -22.86 -22.06
C HIS A 213 0.57 -23.70 -21.59
N ASP A 214 1.40 -23.10 -20.73
CA ASP A 214 2.68 -23.65 -20.25
C ASP A 214 3.75 -23.82 -21.32
N ALA A 215 4.40 -24.98 -21.27
CA ALA A 215 5.48 -25.35 -22.18
C ALA A 215 6.55 -24.27 -22.31
N ASP A 216 7.06 -24.18 -23.53
CA ASP A 216 8.19 -23.34 -23.88
C ASP A 216 8.06 -23.02 -25.35
N LEU A 217 9.15 -22.53 -25.93
CA LEU A 217 9.17 -22.11 -27.33
C LEU A 217 9.70 -23.20 -28.28
N PRO A 218 8.99 -23.42 -29.41
CA PRO A 218 9.21 -24.43 -30.48
C PRO A 218 10.51 -24.34 -31.31
N GLU A 219 10.58 -25.18 -32.34
CA GLU A 219 11.78 -25.36 -33.18
C GLU A 219 11.97 -24.30 -34.27
N GLY A 220 10.86 -23.75 -34.77
CA GLY A 220 10.92 -22.78 -35.85
C GLY A 220 9.56 -22.46 -36.45
N GLU A 221 9.55 -22.01 -37.70
CA GLU A 221 8.32 -21.87 -38.50
C GLU A 221 7.27 -20.93 -37.93
N ASN A 222 7.71 -19.82 -37.31
CA ASN A 222 6.84 -18.84 -36.67
C ASN A 222 5.76 -19.54 -35.85
N HIS A 223 6.19 -20.60 -35.17
CA HIS A 223 5.31 -21.70 -34.78
C HIS A 223 4.18 -21.30 -33.86
N ILE A 224 4.10 -20.02 -33.50
CA ILE A 224 3.01 -19.56 -32.67
C ILE A 224 3.09 -20.27 -31.34
N ALA A 225 4.06 -19.85 -30.54
CA ALA A 225 4.16 -20.29 -29.15
C ALA A 225 3.06 -19.66 -28.31
N SER A 226 2.80 -20.23 -27.14
CA SER A 226 1.80 -19.68 -26.21
C SER A 226 2.28 -18.37 -25.60
N ALA A 227 1.32 -17.58 -25.12
CA ALA A 227 1.65 -16.31 -24.49
C ALA A 227 2.40 -16.53 -23.20
N THR A 228 2.17 -17.67 -22.56
CA THR A 228 2.85 -18.00 -21.32
C THR A 228 4.30 -18.40 -21.54
N SER A 229 4.49 -19.35 -22.45
CA SER A 229 5.84 -19.81 -22.81
C SER A 229 6.70 -18.62 -23.19
N ILE A 230 6.08 -17.66 -23.88
CA ILE A 230 6.74 -16.43 -24.28
C ILE A 230 6.92 -15.49 -23.09
N ARG A 231 5.91 -15.40 -22.22
CA ARG A 231 6.01 -14.59 -21.00
C ARG A 231 7.20 -15.02 -20.15
N LYS A 232 7.15 -16.24 -19.63
CA LYS A 232 8.21 -16.76 -18.76
C LYS A 232 9.56 -16.91 -19.48
N ALA A 233 9.57 -16.68 -20.80
CA ALA A 233 10.81 -16.57 -21.55
C ALA A 233 11.42 -15.19 -21.40
N MET A 234 10.58 -14.17 -21.33
CA MET A 234 11.00 -12.78 -21.15
C MET A 234 11.50 -12.51 -19.74
N ILE A 235 10.59 -12.71 -18.79
CA ILE A 235 10.90 -12.73 -17.37
C ILE A 235 12.12 -13.60 -17.16
N GLY A 236 12.11 -14.76 -17.81
CA GLY A 236 13.22 -15.69 -17.79
C GLY A 236 14.38 -15.23 -18.63
N GLN A 237 14.31 -13.95 -19.04
CA GLN A 237 15.45 -13.22 -19.58
C GLN A 237 15.98 -13.76 -20.89
N ASN A 238 15.08 -14.26 -21.73
CA ASN A 238 15.37 -14.41 -23.15
C ASN A 238 14.28 -13.75 -23.96
N LEU A 239 14.59 -12.60 -24.55
CA LEU A 239 13.62 -11.94 -25.41
C LEU A 239 13.90 -12.35 -26.85
N GLU A 240 15.07 -12.94 -27.05
CA GLU A 240 15.46 -13.42 -28.37
C GLU A 240 14.82 -14.78 -28.64
N ALA A 241 14.73 -15.60 -27.61
CA ALA A 241 14.16 -16.93 -27.74
C ALA A 241 12.76 -16.87 -28.34
N CYS A 242 12.03 -15.83 -28.00
CA CYS A 242 10.66 -15.66 -28.44
C CYS A 242 10.51 -14.81 -29.69
N LEU A 243 11.64 -14.42 -30.28
CA LEU A 243 11.64 -13.56 -31.45
C LEU A 243 10.77 -14.08 -32.58
N ARG A 244 11.04 -15.30 -33.01
CA ARG A 244 10.37 -15.92 -34.15
C ARG A 244 8.86 -15.97 -33.98
N PHE A 245 8.42 -15.86 -32.73
CA PHE A 245 7.01 -15.89 -32.37
C PHE A 245 6.40 -14.53 -32.18
N LEU A 246 7.16 -13.48 -32.45
CA LEU A 246 6.63 -12.14 -32.29
C LEU A 246 6.69 -11.38 -33.58
N PRO A 247 5.62 -10.64 -33.90
CA PRO A 247 5.69 -9.83 -35.12
C PRO A 247 6.68 -8.69 -34.92
N ALA A 248 7.07 -8.05 -36.02
CA ALA A 248 8.03 -6.96 -36.01
C ALA A 248 7.67 -5.93 -34.95
N ALA A 249 6.38 -5.63 -34.87
CA ALA A 249 5.86 -4.70 -33.89
C ALA A 249 6.17 -5.13 -32.46
N SER A 250 5.91 -6.40 -32.17
CA SER A 250 5.92 -6.89 -30.80
C SER A 250 7.27 -6.76 -30.17
N ALA A 251 8.28 -7.31 -30.83
CA ALA A 251 9.63 -7.27 -30.31
C ALA A 251 10.06 -5.83 -30.12
N ARG A 252 9.77 -5.01 -31.12
CA ARG A 252 10.19 -3.62 -31.13
C ARG A 252 9.60 -2.85 -29.96
N GLU A 253 8.35 -3.15 -29.64
CA GLU A 253 7.65 -2.45 -28.58
C GLU A 253 8.02 -2.99 -27.21
N LEU A 254 8.16 -4.31 -27.13
CA LEU A 254 8.49 -4.93 -25.86
C LEU A 254 9.80 -4.43 -25.31
N ALA A 255 10.85 -4.54 -26.12
CA ALA A 255 12.14 -4.04 -25.70
C ALA A 255 12.07 -2.54 -25.41
N ALA A 256 11.20 -1.84 -26.11
CA ALA A 256 11.12 -0.38 -25.96
C ALA A 256 10.47 -0.01 -24.64
N TYR A 257 9.52 -0.81 -24.18
CA TYR A 257 8.94 -0.63 -22.85
C TYR A 257 9.97 -1.01 -21.80
N ARG A 258 10.63 -2.14 -22.00
CA ARG A 258 11.66 -2.64 -21.10
C ARG A 258 12.81 -1.65 -20.98
N LYS A 259 13.10 -0.94 -22.05
CA LYS A 259 14.08 0.12 -21.98
C LYS A 259 13.45 1.27 -21.23
N SER A 260 12.21 1.61 -21.60
CA SER A 260 11.53 2.75 -20.99
C SER A 260 11.44 2.68 -19.48
N PHE A 261 10.58 1.81 -18.97
CA PHE A 261 10.29 1.80 -17.55
C PHE A 261 11.06 0.74 -16.80
N GLY A 262 11.90 0.01 -17.55
CA GLY A 262 12.90 -0.86 -16.95
C GLY A 262 12.38 -2.05 -16.17
N LEU A 263 11.23 -2.57 -16.57
CA LEU A 263 10.71 -3.78 -15.94
C LEU A 263 9.89 -4.63 -16.90
N TRP A 264 9.81 -5.93 -16.59
CA TRP A 264 8.81 -6.82 -17.14
C TRP A 264 7.84 -7.14 -16.01
N HIS A 265 6.58 -6.74 -16.13
CA HIS A 265 5.61 -6.97 -15.06
C HIS A 265 5.22 -8.43 -14.90
N THR A 266 5.16 -8.88 -13.65
CA THR A 266 4.71 -10.21 -13.30
C THR A 266 3.78 -10.08 -12.11
N PRO A 267 3.00 -11.11 -11.77
CA PRO A 267 2.23 -10.97 -10.53
C PRO A 267 3.13 -10.74 -9.34
N GLU A 268 4.36 -11.22 -9.42
CA GLU A 268 5.22 -11.24 -8.25
C GLU A 268 5.58 -9.82 -7.84
N SER A 269 5.59 -8.93 -8.82
CA SER A 269 6.03 -7.56 -8.60
C SER A 269 5.23 -6.84 -7.51
N TYR A 270 3.98 -7.24 -7.35
CA TYR A 270 3.04 -6.51 -6.51
C TYR A 270 2.87 -7.09 -5.10
N PHE A 271 3.63 -8.11 -4.74
CA PHE A 271 3.41 -8.77 -3.46
C PHE A 271 3.58 -7.85 -2.25
N SER A 272 4.58 -6.97 -2.32
CA SER A 272 4.81 -6.00 -1.25
C SER A 272 3.61 -5.11 -1.03
N TYR A 273 2.96 -4.74 -2.13
CA TYR A 273 1.80 -3.86 -2.06
C TYR A 273 0.55 -4.65 -1.68
N LEU A 274 0.53 -5.94 -1.98
CA LEU A 274 -0.51 -6.79 -1.44
C LEU A 274 -0.25 -7.03 0.06
N LYS A 275 1.01 -7.21 0.43
CA LYS A 275 1.36 -7.27 1.85
C LYS A 275 0.93 -5.99 2.56
N TYR A 276 1.28 -4.85 1.98
CA TYR A 276 0.87 -3.58 2.55
C TYR A 276 -0.62 -3.46 2.66
N SER A 277 -1.30 -3.95 1.63
CA SER A 277 -2.73 -3.79 1.52
C SER A 277 -3.43 -4.45 2.67
N LEU A 278 -2.88 -5.57 3.12
CA LEU A 278 -3.51 -6.36 4.17
C LEU A 278 -2.99 -6.02 5.54
N SER A 279 -2.01 -5.11 5.61
CA SER A 279 -1.51 -4.56 6.88
C SER A 279 -2.41 -3.44 7.34
N THR A 280 -2.97 -2.75 6.37
CA THR A 280 -3.77 -1.56 6.59
C THR A 280 -5.28 -1.82 6.58
N VAL A 281 -5.66 -3.08 6.59
CA VAL A 281 -7.05 -3.44 6.50
C VAL A 281 -7.57 -4.00 7.82
N THR A 282 -8.85 -3.78 8.11
CA THR A 282 -9.53 -4.47 9.22
C THR A 282 -10.30 -5.64 8.65
N ALA A 283 -10.28 -6.78 9.33
CA ALA A 283 -10.89 -8.01 8.82
C ALA A 283 -12.37 -7.83 8.51
N ARG A 284 -13.02 -6.96 9.26
CA ARG A 284 -14.38 -6.55 8.94
C ARG A 284 -14.39 -5.89 7.55
N GLU A 285 -13.49 -4.93 7.37
CA GLU A 285 -13.37 -4.19 6.11
C GLU A 285 -12.89 -5.05 4.94
N LEU A 286 -12.20 -6.15 5.24
CA LEU A 286 -11.66 -7.04 4.21
C LEU A 286 -12.75 -7.96 3.68
N GLN A 287 -13.73 -8.26 4.54
CA GLN A 287 -14.89 -9.03 4.12
C GLN A 287 -15.70 -8.23 3.08
N GLN A 288 -15.53 -6.92 3.06
CA GLN A 288 -16.21 -6.07 2.08
C GLN A 288 -15.45 -5.98 0.76
N VAL A 289 -14.30 -6.66 0.69
CA VAL A 289 -13.55 -6.67 -0.55
C VAL A 289 -14.21 -7.67 -1.46
N TYR A 290 -14.27 -7.35 -2.74
CA TYR A 290 -14.88 -8.23 -3.72
C TYR A 290 -14.18 -9.59 -3.83
N GLU A 291 -14.98 -10.65 -3.98
CA GLU A 291 -14.54 -12.04 -4.07
C GLU A 291 -13.79 -12.50 -2.83
N VAL A 292 -14.01 -11.85 -1.69
CA VAL A 292 -13.51 -12.38 -0.43
C VAL A 292 -14.67 -13.06 0.26
N GLU A 293 -14.62 -14.39 0.28
CA GLU A 293 -15.72 -15.19 0.80
C GLU A 293 -15.81 -15.01 2.31
N GLU A 294 -17.01 -15.17 2.83
CA GLU A 294 -17.29 -14.95 4.24
C GLU A 294 -16.39 -15.82 5.12
N GLY A 295 -15.71 -15.18 6.06
CA GLY A 295 -14.85 -15.86 7.02
C GLY A 295 -13.44 -16.08 6.52
N LEU A 296 -13.27 -15.99 5.20
CA LEU A 296 -11.97 -16.22 4.59
C LEU A 296 -11.02 -15.11 5.01
N GLU A 297 -11.60 -14.00 5.45
CA GLU A 297 -10.82 -12.85 5.88
C GLU A 297 -9.76 -13.28 6.87
N HIS A 298 -10.09 -14.28 7.66
CA HIS A 298 -9.19 -14.74 8.69
C HIS A 298 -8.10 -15.61 8.09
N ARG A 299 -8.46 -16.54 7.24
CA ARG A 299 -7.44 -17.33 6.56
C ARG A 299 -6.51 -16.39 5.82
N ILE A 300 -7.08 -15.40 5.15
CA ILE A 300 -6.31 -14.40 4.42
C ILE A 300 -5.31 -13.64 5.26
N ILE A 301 -5.80 -13.09 6.36
CA ILE A 301 -4.97 -12.26 7.24
C ILE A 301 -3.97 -13.08 8.05
N ARG A 302 -4.38 -14.28 8.47
CA ARG A 302 -3.48 -15.20 9.17
C ARG A 302 -2.28 -15.56 8.30
N SER A 303 -2.55 -15.81 7.03
CA SER A 303 -1.55 -16.30 6.11
C SER A 303 -0.54 -15.25 5.69
N ILE A 304 -1.03 -14.07 5.33
CA ILE A 304 -0.19 -13.03 4.72
C ILE A 304 1.03 -12.75 5.58
N ARG A 305 0.88 -12.91 6.89
CA ARG A 305 1.92 -12.53 7.81
C ARG A 305 3.09 -13.47 7.74
N LYS A 306 2.81 -14.75 7.55
CA LYS A 306 3.84 -15.78 7.51
C LYS A 306 4.34 -16.02 6.09
N SER A 307 3.89 -15.19 5.16
CA SER A 307 4.17 -15.40 3.74
C SER A 307 5.26 -14.49 3.16
N SER A 308 6.35 -15.11 2.73
CA SER A 308 7.42 -14.40 2.02
C SER A 308 7.07 -14.17 0.56
N SER A 309 6.29 -15.08 -0.01
CA SER A 309 6.06 -15.06 -1.44
C SER A 309 4.59 -15.07 -1.80
N TYR A 310 4.33 -14.64 -3.03
CA TYR A 310 3.03 -14.77 -3.65
C TYR A 310 2.62 -16.25 -3.66
N GLN A 311 3.55 -17.13 -4.05
CA GLN A 311 3.26 -18.56 -4.10
C GLN A 311 2.80 -19.14 -2.76
N GLU A 312 3.62 -18.96 -1.73
CA GLU A 312 3.32 -19.53 -0.43
C GLU A 312 1.99 -19.01 0.08
N PHE A 313 1.76 -17.72 -0.12
CA PHE A 313 0.50 -17.07 0.22
C PHE A 313 -0.69 -17.81 -0.38
N MET A 314 -0.60 -18.08 -1.68
CA MET A 314 -1.64 -18.86 -2.35
C MET A 314 -1.76 -20.24 -1.71
N GLU A 315 -0.63 -20.83 -1.34
CA GLU A 315 -0.62 -22.16 -0.75
C GLU A 315 -1.42 -22.21 0.54
N LEU A 316 -1.21 -21.22 1.40
CA LEU A 316 -1.87 -21.18 2.70
C LEU A 316 -3.33 -20.85 2.56
N LEU A 317 -3.64 -20.12 1.51
CA LEU A 317 -5.00 -19.70 1.21
C LEU A 317 -5.84 -20.76 0.52
N LYS A 318 -5.19 -21.55 -0.35
CA LYS A 318 -5.89 -22.41 -1.30
C LYS A 318 -6.88 -23.32 -0.59
N THR A 319 -8.14 -23.25 -1.04
CA THR A 319 -9.22 -24.08 -0.52
C THR A 319 -9.92 -24.81 -1.65
N LYS A 320 -10.95 -25.56 -1.30
CA LYS A 320 -11.73 -26.27 -2.31
C LYS A 320 -12.60 -25.30 -3.10
N ARG A 321 -13.19 -24.31 -2.41
CA ARG A 321 -14.01 -23.31 -3.08
C ARG A 321 -13.19 -22.41 -4.00
N TYR A 322 -11.89 -22.32 -3.72
CA TYR A 322 -11.01 -21.45 -4.47
C TYR A 322 -9.98 -22.20 -5.27
N THR A 323 -10.08 -22.13 -6.58
CA THR A 323 -8.96 -22.53 -7.41
C THR A 323 -7.91 -21.47 -7.31
N TRP A 324 -6.69 -21.79 -7.74
CA TRP A 324 -5.61 -20.82 -7.77
C TRP A 324 -6.08 -19.54 -8.44
N THR A 325 -6.75 -19.69 -9.59
CA THR A 325 -7.10 -18.55 -10.43
C THR A 325 -8.03 -17.57 -9.73
N ARG A 326 -9.06 -18.08 -9.05
CA ARG A 326 -9.99 -17.19 -8.37
C ARG A 326 -9.31 -16.46 -7.21
N LEU A 327 -8.43 -17.16 -6.50
CA LEU A 327 -7.62 -16.52 -5.47
C LEU A 327 -6.84 -15.35 -6.07
N GLN A 328 -6.20 -15.58 -7.21
CA GLN A 328 -5.41 -14.54 -7.84
C GLN A 328 -6.26 -13.33 -8.19
N ARG A 329 -7.44 -13.61 -8.74
CA ARG A 329 -8.45 -12.59 -8.99
C ARG A 329 -8.80 -11.82 -7.73
N MET A 330 -9.10 -12.56 -6.68
CA MET A 330 -9.39 -11.97 -5.38
C MET A 330 -8.25 -11.09 -4.92
N ASN A 331 -7.03 -11.62 -4.97
CA ASN A 331 -5.84 -10.89 -4.55
C ASN A 331 -5.73 -9.58 -5.30
N THR A 332 -6.17 -9.59 -6.55
CA THR A 332 -6.16 -8.36 -7.33
C THR A 332 -7.13 -7.36 -6.73
N HIS A 333 -8.33 -7.80 -6.36
CA HIS A 333 -9.31 -6.89 -5.78
C HIS A 333 -8.85 -6.39 -4.44
N ILE A 334 -8.14 -7.24 -3.70
CA ILE A 334 -7.56 -6.80 -2.45
C ILE A 334 -6.58 -5.69 -2.73
N LEU A 335 -5.82 -5.88 -3.81
CA LEU A 335 -4.78 -4.95 -4.21
C LEU A 335 -5.33 -3.59 -4.67
N THR A 336 -6.38 -3.59 -5.49
CA THR A 336 -7.00 -2.34 -5.92
C THR A 336 -8.00 -1.82 -4.90
N ARG A 337 -8.26 -2.65 -3.89
CA ARG A 337 -9.27 -2.38 -2.86
C ARG A 337 -10.63 -2.12 -3.47
N THR A 338 -11.15 -3.16 -4.12
CA THR A 338 -12.45 -3.11 -4.75
C THR A 338 -13.50 -3.82 -3.90
N LYS A 339 -14.54 -3.07 -3.57
CA LYS A 339 -15.51 -3.45 -2.57
C LYS A 339 -16.71 -4.14 -3.19
N LYS A 340 -17.29 -5.10 -2.47
CA LYS A 340 -18.42 -5.86 -2.98
C LYS A 340 -19.55 -4.96 -3.45
N GLN A 341 -19.74 -3.84 -2.75
CA GLN A 341 -20.82 -2.91 -3.08
C GLN A 341 -20.47 -2.05 -4.29
N ASP A 342 -19.19 -1.74 -4.47
CA ASP A 342 -18.73 -1.12 -5.70
C ASP A 342 -19.17 -1.97 -6.86
N MET A 343 -18.76 -3.24 -6.80
CA MET A 343 -18.97 -4.21 -7.86
C MET A 343 -20.42 -4.45 -8.17
N GLN A 344 -21.19 -4.78 -7.16
CA GLN A 344 -22.55 -5.21 -7.39
C GLN A 344 -23.34 -4.13 -8.08
N LYS A 345 -23.13 -2.88 -7.69
CA LYS A 345 -23.84 -1.78 -8.32
C LYS A 345 -23.42 -1.60 -9.79
N LEU A 346 -22.16 -1.88 -10.10
CA LEU A 346 -21.68 -1.73 -11.48
C LEU A 346 -22.03 -2.88 -12.42
N LEU A 347 -22.20 -4.09 -11.87
CA LEU A 347 -22.52 -5.26 -12.67
C LEU A 347 -23.97 -5.25 -13.12
N ASP A 348 -24.84 -4.74 -12.26
CA ASP A 348 -26.26 -4.67 -12.56
C ASP A 348 -26.56 -3.72 -13.72
N ASN A 349 -25.53 -3.02 -14.20
CA ASN A 349 -25.62 -2.35 -15.48
C ASN A 349 -25.64 -3.41 -16.59
N ASP A 350 -26.66 -3.35 -17.44
CA ASP A 350 -26.88 -4.36 -18.47
C ASP A 350 -25.89 -4.23 -19.63
N LYS A 351 -25.37 -3.03 -19.83
CA LYS A 351 -24.37 -2.78 -20.86
C LYS A 351 -23.19 -1.96 -20.34
N ALA A 352 -22.11 -1.95 -21.12
CA ALA A 352 -20.92 -1.21 -20.79
C ALA A 352 -21.23 0.27 -20.61
N PRO A 353 -20.74 0.86 -19.51
CA PRO A 353 -21.01 2.26 -19.17
C PRO A 353 -20.40 3.28 -20.14
N TYR A 354 -19.45 2.82 -20.97
CA TYR A 354 -18.71 3.68 -21.87
C TYR A 354 -17.83 2.85 -22.77
N ILE A 355 -17.33 3.47 -23.85
CA ILE A 355 -16.38 2.80 -24.72
C ILE A 355 -15.05 3.51 -24.65
N ARG A 356 -14.08 2.85 -24.03
CA ARG A 356 -12.77 3.44 -23.83
C ARG A 356 -11.83 3.05 -24.97
N LEU A 357 -11.45 4.04 -25.77
CA LEU A 357 -10.66 3.80 -26.96
C LEU A 357 -9.18 3.99 -26.67
N LEU A 358 -8.41 2.89 -26.73
CA LEU A 358 -6.98 2.97 -26.50
C LEU A 358 -6.22 3.37 -27.78
N GLY A 359 -6.64 2.80 -28.90
CA GLY A 359 -5.98 3.10 -30.16
C GLY A 359 -6.82 2.86 -31.39
N MET A 360 -6.46 3.53 -32.48
CA MET A 360 -7.18 3.32 -33.74
C MET A 360 -6.27 3.39 -34.96
N THR A 361 -6.57 2.57 -35.96
CA THR A 361 -5.95 2.72 -37.27
C THR A 361 -6.67 3.82 -38.02
N LYS A 362 -6.43 3.96 -39.31
CA LYS A 362 -7.23 4.88 -40.11
C LYS A 362 -8.52 4.23 -40.54
N LYS A 363 -8.55 2.90 -40.49
CA LYS A 363 -9.75 2.14 -40.82
C LYS A 363 -10.71 2.18 -39.64
N GLY A 364 -10.17 1.90 -38.45
CA GLY A 364 -10.95 1.95 -37.24
C GLY A 364 -11.48 3.36 -37.01
N GLN A 365 -10.61 4.33 -37.22
CA GLN A 365 -11.01 5.73 -37.14
C GLN A 365 -12.24 5.99 -37.98
N ALA A 366 -12.18 5.55 -39.24
CA ALA A 366 -13.29 5.73 -40.18
C ALA A 366 -14.53 4.99 -39.71
N TYR A 367 -14.35 3.72 -39.37
CA TYR A 367 -15.43 2.90 -38.85
C TYR A 367 -16.08 3.57 -37.67
N LEU A 368 -15.25 4.08 -36.77
CA LEU A 368 -15.73 4.84 -35.63
C LEU A 368 -16.59 6.01 -36.04
N SER A 369 -16.04 6.88 -36.87
CA SER A 369 -16.74 8.10 -37.25
C SER A 369 -18.01 7.75 -38.01
N GLU A 370 -18.00 6.59 -38.64
CA GLU A 370 -19.20 6.07 -39.27
C GLU A 370 -20.20 5.67 -38.18
N LYS A 371 -19.72 5.02 -37.13
CA LYS A 371 -20.59 4.46 -36.12
C LYS A 371 -20.79 5.28 -34.84
N LYS A 372 -20.09 6.41 -34.71
CA LYS A 372 -20.04 7.12 -33.42
C LYS A 372 -21.39 7.66 -32.94
N LYS A 373 -22.16 8.21 -33.88
CA LYS A 373 -23.44 8.83 -33.55
C LYS A 373 -24.41 7.89 -32.84
N ALA A 374 -24.30 6.60 -33.11
CA ALA A 374 -25.24 5.62 -32.59
C ALA A 374 -24.76 4.92 -31.30
N LEU A 375 -23.61 5.31 -30.78
CA LEU A 375 -23.19 4.75 -29.50
C LEU A 375 -24.05 5.31 -28.39
N SER A 376 -24.66 4.40 -27.63
CA SER A 376 -25.59 4.79 -26.57
C SER A 376 -24.87 5.20 -25.28
N VAL A 377 -23.56 5.04 -25.27
CA VAL A 377 -22.73 5.43 -24.13
C VAL A 377 -21.56 6.24 -24.67
N PRO A 378 -20.94 7.08 -23.82
CA PRO A 378 -19.91 7.97 -24.35
C PRO A 378 -18.73 7.26 -24.99
N LEU A 379 -18.14 7.91 -25.99
CA LEU A 379 -16.88 7.46 -26.58
C LEU A 379 -15.74 8.19 -25.90
N VAL A 380 -14.95 7.46 -25.14
CA VAL A 380 -13.95 8.08 -24.31
C VAL A 380 -12.59 8.04 -24.98
N SER A 381 -12.10 9.21 -25.36
CA SER A 381 -10.77 9.38 -25.95
C SER A 381 -9.85 9.95 -24.89
N LYS A 382 -10.18 11.16 -24.45
CA LYS A 382 -9.50 11.77 -23.33
C LYS A 382 -10.35 11.59 -22.08
N LEU A 383 -9.68 11.36 -20.95
CA LEU A 383 -10.36 11.15 -19.68
C LEU A 383 -11.14 12.36 -19.15
N SER A 384 -10.71 13.56 -19.53
CA SER A 384 -11.38 14.78 -19.11
C SER A 384 -12.85 14.77 -19.54
N SER A 385 -13.12 14.12 -20.66
CA SER A 385 -14.44 14.12 -21.28
C SER A 385 -15.53 13.50 -20.41
N PHE A 386 -15.15 12.62 -19.50
CA PHE A 386 -16.16 11.80 -18.86
C PHE A 386 -15.82 11.34 -17.45
N SER A 387 -16.86 11.04 -16.66
CA SER A 387 -16.69 10.45 -15.35
C SER A 387 -17.73 9.37 -15.14
N HIS A 388 -17.32 8.31 -14.43
CA HIS A 388 -18.18 7.17 -14.16
C HIS A 388 -17.40 6.28 -13.22
N PRO A 389 -18.09 5.67 -12.24
CA PRO A 389 -17.53 4.77 -11.23
C PRO A 389 -16.71 3.62 -11.80
N ALA A 390 -17.06 3.16 -13.00
CA ALA A 390 -16.38 2.04 -13.61
C ALA A 390 -15.08 2.52 -14.25
N LEU A 391 -15.05 3.79 -14.61
CA LEU A 391 -13.85 4.41 -15.15
C LEU A 391 -12.85 4.74 -14.02
N ASP A 392 -13.37 5.22 -12.91
CA ASP A 392 -12.58 5.39 -11.69
C ASP A 392 -11.80 4.12 -11.38
N LEU A 393 -12.50 3.00 -11.45
CA LEU A 393 -11.94 1.69 -11.27
C LEU A 393 -10.87 1.35 -12.30
N ASP A 394 -11.05 1.80 -13.54
CA ASP A 394 -10.04 1.59 -14.58
C ASP A 394 -8.79 2.40 -14.31
N VAL A 395 -8.98 3.65 -13.87
CA VAL A 395 -7.88 4.56 -13.58
C VAL A 395 -7.09 4.20 -12.33
N LYS A 396 -7.81 3.79 -11.30
CA LYS A 396 -7.15 3.30 -10.11
C LYS A 396 -6.23 2.13 -10.45
N ALA A 397 -6.74 1.23 -11.27
CA ALA A 397 -6.01 0.04 -11.69
C ALA A 397 -4.64 0.40 -12.26
N SER A 398 -4.64 1.45 -13.09
CA SER A 398 -3.43 1.99 -13.71
C SER A 398 -2.45 2.46 -12.66
N ARG A 399 -2.96 3.23 -11.70
CA ARG A 399 -2.16 3.75 -10.61
C ARG A 399 -1.40 2.64 -9.89
N ILE A 400 -2.14 1.65 -9.41
CA ILE A 400 -1.56 0.51 -8.74
C ILE A 400 -0.67 -0.30 -9.69
N TYR A 401 -1.04 -0.34 -10.96
CA TYR A 401 -0.26 -1.07 -11.96
C TYR A 401 1.20 -0.61 -11.97
N SER A 402 1.42 0.67 -11.75
CA SER A 402 2.73 1.29 -11.94
C SER A 402 3.67 1.18 -10.74
N LEU A 403 3.13 0.79 -9.59
CA LEU A 403 3.91 0.75 -8.34
C LEU A 403 5.32 0.12 -8.45
N PRO A 404 5.46 -1.00 -9.19
CA PRO A 404 6.80 -1.59 -9.28
C PRO A 404 7.79 -0.75 -10.06
N ILE A 405 7.31 0.20 -10.85
CA ILE A 405 8.20 1.07 -11.61
C ILE A 405 8.96 2.00 -10.67
N GLU A 406 10.28 1.98 -10.74
CA GLU A 406 11.09 2.87 -9.92
C GLU A 406 10.89 4.32 -10.34
N GLU A 407 10.92 5.21 -9.37
CA GLU A 407 10.74 6.63 -9.62
C GLU A 407 11.99 7.21 -10.31
N PRO A 408 11.83 8.32 -11.05
CA PRO A 408 10.55 8.98 -11.36
C PRO A 408 9.94 8.47 -12.64
N LEU A 409 10.11 7.18 -12.89
CA LEU A 409 9.68 6.61 -14.15
C LEU A 409 8.22 6.33 -13.98
N ARG A 410 7.92 5.92 -12.76
CA ARG A 410 6.57 5.69 -12.32
C ARG A 410 5.71 6.93 -12.57
N THR A 411 6.14 8.04 -12.00
CA THR A 411 5.39 9.30 -12.11
C THR A 411 5.17 9.71 -13.57
N GLU A 412 6.18 9.47 -14.39
CA GLU A 412 6.08 9.76 -15.80
C GLU A 412 5.09 8.82 -16.48
N PHE A 413 5.12 7.55 -16.11
CA PHE A 413 4.11 6.59 -16.56
C PHE A 413 2.75 7.03 -16.08
N ASP A 414 2.70 7.61 -14.89
CA ASP A 414 1.43 7.98 -14.28
C ASP A 414 0.65 8.96 -15.16
N LEU A 415 1.38 9.70 -16.00
CA LEU A 415 0.73 10.67 -16.89
C LEU A 415 0.05 9.97 -18.06
N GLN A 416 0.51 8.76 -18.36
CA GLN A 416 0.04 8.02 -19.52
C GLN A 416 -1.43 7.65 -19.46
N GLU A 417 -2.05 7.85 -18.30
CA GLU A 417 -3.46 7.53 -18.16
C GLU A 417 -4.37 8.63 -18.68
N TYR A 418 -3.97 9.88 -18.48
CA TYR A 418 -4.89 11.00 -18.70
C TYR A 418 -4.74 11.68 -20.04
N GLY A 419 -3.62 12.37 -20.19
CA GLY A 419 -3.36 13.10 -21.42
C GLY A 419 -3.18 12.19 -22.62
N HIS A 420 -3.11 10.88 -22.39
CA HIS A 420 -2.89 9.96 -23.49
C HIS A 420 -4.12 9.87 -24.38
N ALA A 421 -3.91 10.22 -25.64
CA ALA A 421 -4.94 10.23 -26.66
C ALA A 421 -5.21 8.80 -27.10
N PRO A 422 -6.26 8.58 -27.89
CA PRO A 422 -6.24 7.34 -28.65
C PRO A 422 -4.97 7.28 -29.47
N ILE A 423 -4.27 6.17 -29.41
CA ILE A 423 -3.08 6.02 -30.23
C ILE A 423 -3.55 5.75 -31.65
N ARG A 424 -3.13 6.59 -32.58
CA ARG A 424 -3.62 6.44 -33.94
C ARG A 424 -2.51 5.94 -34.84
N TYR A 425 -2.73 4.78 -35.45
CA TYR A 425 -1.73 4.23 -36.35
C TYR A 425 -2.11 4.42 -37.81
N ASP A 426 -1.09 4.63 -38.65
CA ASP A 426 -1.23 4.81 -40.09
C ASP A 426 -0.82 3.54 -40.84
N GLU A 427 -1.80 2.83 -41.41
CA GLU A 427 -1.51 1.56 -42.08
C GLU A 427 -0.81 1.79 -43.40
N ASP A 428 -1.00 2.97 -43.98
CA ASP A 428 -0.24 3.37 -45.16
C ASP A 428 1.06 4.00 -44.63
N GLU A 429 2.16 3.40 -45.02
CA GLU A 429 3.12 2.92 -44.04
C GLU A 429 3.53 3.81 -42.88
N GLN A 430 3.35 3.21 -41.70
CA GLN A 430 4.06 3.49 -40.45
C GLN A 430 4.21 4.92 -39.98
N HIS A 431 3.11 5.51 -39.50
CA HIS A 431 3.23 6.74 -38.73
C HIS A 431 2.31 6.72 -37.52
N PHE A 432 2.91 6.78 -36.34
CA PHE A 432 2.14 7.16 -35.17
C PHE A 432 2.24 8.67 -35.04
N LEU A 433 1.09 9.35 -35.09
CA LEU A 433 1.08 10.82 -35.09
C LEU A 433 0.64 11.40 -33.74
N ASN A 434 1.59 11.94 -33.00
CA ASN A 434 1.32 12.49 -31.66
C ASN A 434 2.45 13.41 -31.19
N MET B 21 13.96 2.45 47.14
CA MET B 21 14.56 2.31 45.82
C MET B 21 13.94 3.22 44.75
N LYS B 22 14.79 3.97 44.05
CA LYS B 22 14.36 5.08 43.20
C LYS B 22 14.66 4.92 41.71
N ALA B 23 13.77 5.45 40.87
CA ALA B 23 14.01 5.54 39.43
C ALA B 23 13.78 6.93 38.90
N VAL B 24 14.60 7.30 37.93
CA VAL B 24 14.48 8.60 37.29
C VAL B 24 13.87 8.41 35.92
N GLY B 25 12.94 9.28 35.53
CA GLY B 25 12.29 9.14 34.24
C GLY B 25 13.07 9.72 33.08
N LEU B 26 13.07 9.02 31.95
CA LEU B 26 13.74 9.48 30.74
C LEU B 26 12.88 9.25 29.49
N VAL B 27 12.53 10.33 28.79
CA VAL B 27 11.72 10.21 27.59
C VAL B 27 12.61 10.35 26.36
N VAL B 28 12.56 9.38 25.46
CA VAL B 28 13.59 9.31 24.42
C VAL B 28 13.18 8.73 23.08
N GLU B 29 13.76 9.31 22.03
CA GLU B 29 13.82 8.64 20.75
C GLU B 29 15.30 8.45 20.53
N TYR B 30 15.70 7.21 20.41
CA TYR B 30 17.09 6.95 20.19
C TYR B 30 17.20 6.71 18.74
N ASN B 31 17.75 7.67 17.99
CA ASN B 31 17.77 7.50 16.54
C ASN B 31 19.07 7.96 15.86
N PRO B 32 20.21 7.32 16.19
CA PRO B 32 20.36 6.25 17.19
C PRO B 32 20.69 6.76 18.60
N PHE B 33 20.94 5.83 19.51
CA PHE B 33 21.45 6.19 20.83
C PHE B 33 22.89 6.64 20.69
N HIS B 34 23.21 7.85 21.13
CA HIS B 34 24.58 8.30 20.95
C HIS B 34 25.30 8.76 22.21
N ASN B 35 26.50 9.28 22.00
CA ASN B 35 27.40 9.77 23.05
C ASN B 35 26.72 10.73 24.01
N GLY B 36 25.71 11.43 23.49
CA GLY B 36 24.93 12.36 24.28
C GLY B 36 23.70 11.73 24.89
N HIS B 37 23.29 10.60 24.35
CA HIS B 37 22.25 9.84 24.98
C HIS B 37 22.84 9.07 26.17
N LEU B 38 24.14 8.84 26.12
CA LEU B 38 24.84 8.20 27.23
C LEU B 38 25.14 9.18 28.34
N TYR B 39 25.47 10.42 27.96
CA TYR B 39 25.74 11.49 28.91
C TYR B 39 24.54 11.77 29.80
N HIS B 40 23.38 11.97 29.18
CA HIS B 40 22.16 12.30 29.91
C HIS B 40 21.77 11.23 30.94
N ALA B 41 22.00 9.96 30.62
CA ALA B 41 21.63 8.85 31.49
C ALA B 41 22.40 8.87 32.79
N GLN B 42 23.71 9.08 32.71
CA GLN B 42 24.53 9.18 33.90
C GLN B 42 24.08 10.33 34.77
N THR B 43 24.11 11.53 34.16
CA THR B 43 23.73 12.76 34.83
C THR B 43 22.34 12.65 35.42
N ALA B 44 21.50 11.81 34.81
CA ALA B 44 20.21 11.50 35.37
C ALA B 44 20.36 10.85 36.74
N LYS B 45 21.03 9.70 36.80
CA LYS B 45 21.23 9.03 38.08
C LYS B 45 22.10 9.87 38.98
N LEU B 46 23.04 10.57 38.35
CA LEU B 46 23.92 11.51 39.03
C LEU B 46 23.08 12.57 39.76
N GLN B 47 22.44 13.42 38.98
CA GLN B 47 21.72 14.59 39.50
C GLN B 47 20.44 14.26 40.27
N THR B 48 19.68 13.26 39.82
CA THR B 48 18.43 12.93 40.50
C THR B 48 18.67 12.12 41.76
N GLY B 49 19.73 11.32 41.76
CA GLY B 49 19.97 10.42 42.86
C GLY B 49 19.05 9.22 42.78
N CYS B 50 18.61 8.90 41.58
CA CYS B 50 17.82 7.69 41.35
C CYS B 50 18.70 6.61 40.76
N ASP B 51 18.65 5.44 41.38
CA ASP B 51 19.55 4.35 41.07
C ASP B 51 19.14 3.65 39.79
N THR B 52 17.95 3.99 39.29
CA THR B 52 17.37 3.30 38.15
C THR B 52 16.95 4.24 37.02
N ALA B 53 17.45 3.97 35.83
CA ALA B 53 17.13 4.77 34.66
C ALA B 53 16.05 4.12 33.83
N VAL B 54 14.94 4.83 33.67
CA VAL B 54 13.80 4.37 32.89
C VAL B 54 13.63 5.17 31.61
N ALA B 55 13.67 4.49 30.47
CA ALA B 55 13.51 5.16 29.18
C ALA B 55 12.20 4.78 28.52
N VAL B 56 11.27 5.72 28.40
CA VAL B 56 10.07 5.45 27.64
C VAL B 56 10.39 5.93 26.24
N MET B 57 10.20 5.07 25.24
CA MET B 57 10.71 5.31 23.90
C MET B 57 9.69 5.05 22.79
N SER B 58 9.59 5.97 21.82
CA SER B 58 8.74 5.68 20.66
C SER B 58 9.43 4.61 19.86
N GLY B 59 8.71 3.53 19.54
CA GLY B 59 9.40 2.47 18.85
C GLY B 59 9.74 2.67 17.40
N HIS B 60 8.74 2.60 16.51
CA HIS B 60 9.09 2.65 15.09
C HIS B 60 8.70 3.87 14.30
N PHE B 61 7.86 4.70 14.87
CA PHE B 61 7.51 5.95 14.23
C PHE B 61 7.51 7.03 15.28
N LEU B 62 8.22 8.10 14.97
CA LEU B 62 8.67 9.07 15.96
C LEU B 62 7.80 10.32 15.94
N GLN B 63 8.22 11.35 16.68
CA GLN B 63 7.39 12.52 16.97
C GLN B 63 7.30 13.52 15.82
N ARG B 64 8.36 13.61 15.03
CA ARG B 64 8.37 14.48 13.87
C ARG B 64 7.77 13.74 12.69
N GLY B 65 7.49 12.46 12.89
CA GLY B 65 6.80 11.64 11.91
C GLY B 65 7.67 10.61 11.22
N GLU B 66 8.97 10.68 11.45
CA GLU B 66 9.91 9.85 10.73
C GLU B 66 9.79 8.40 11.17
N PRO B 67 10.24 7.46 10.33
CA PRO B 67 10.49 6.12 10.86
C PRO B 67 11.82 6.12 11.61
N ALA B 68 11.94 5.27 12.62
CA ALA B 68 13.22 5.09 13.28
C ALA B 68 14.17 4.48 12.28
N VAL B 69 15.42 4.93 12.27
CA VAL B 69 16.40 4.44 11.32
C VAL B 69 16.73 2.97 11.60
N VAL B 70 16.25 2.47 12.72
CA VAL B 70 16.50 1.10 13.11
C VAL B 70 15.34 0.67 14.02
N SER B 71 15.03 -0.62 14.06
CA SER B 71 13.90 -1.08 14.85
C SER B 71 14.08 -0.78 16.32
N LYS B 72 12.96 -0.73 17.03
CA LYS B 72 12.95 -0.48 18.46
C LYS B 72 13.77 -1.51 19.24
N TRP B 73 13.89 -2.72 18.69
CA TRP B 73 14.63 -3.79 19.36
C TRP B 73 16.12 -3.52 19.46
N ALA B 74 16.68 -2.94 18.41
CA ALA B 74 18.11 -2.68 18.42
C ALA B 74 18.43 -1.47 19.30
N ARG B 75 17.63 -0.43 19.20
CA ARG B 75 17.87 0.81 19.95
C ARG B 75 17.71 0.58 21.45
N THR B 76 16.85 -0.37 21.81
CA THR B 76 16.70 -0.82 23.20
C THR B 76 18.05 -1.32 23.72
N LYS B 77 18.76 -2.07 22.89
CA LYS B 77 20.03 -2.64 23.29
C LYS B 77 21.12 -1.58 23.45
N MET B 78 21.08 -0.56 22.60
CA MET B 78 22.06 0.51 22.70
C MET B 78 21.94 1.20 24.04
N ALA B 79 20.70 1.36 24.48
CA ALA B 79 20.41 2.00 25.76
C ALA B 79 20.66 1.10 26.96
N LEU B 80 20.29 -0.17 26.85
CA LEU B 80 20.52 -1.12 27.92
C LEU B 80 22.00 -1.30 28.21
N GLN B 81 22.86 -1.02 27.23
CA GLN B 81 24.30 -1.09 27.44
C GLN B 81 24.93 0.27 27.73
N SER B 82 24.14 1.33 27.65
CA SER B 82 24.60 2.66 27.99
C SER B 82 24.16 3.17 29.36
N GLY B 83 23.55 2.31 30.18
CA GLY B 83 23.19 2.71 31.53
C GLY B 83 21.72 2.99 31.78
N VAL B 84 20.86 2.54 30.88
CA VAL B 84 19.42 2.65 31.03
C VAL B 84 18.83 1.32 31.46
N ASP B 85 18.15 1.34 32.60
CA ASP B 85 17.69 0.11 33.22
C ASP B 85 16.38 -0.42 32.66
N LEU B 86 15.55 0.49 32.18
CA LEU B 86 14.22 0.10 31.70
C LEU B 86 13.86 0.76 30.39
N VAL B 87 13.37 -0.03 29.45
CA VAL B 87 12.92 0.53 28.19
C VAL B 87 11.47 0.21 27.91
N ILE B 88 10.63 1.24 27.96
CA ILE B 88 9.19 1.11 27.75
C ILE B 88 8.86 1.70 26.40
N GLU B 89 7.99 1.05 25.64
CA GLU B 89 7.57 1.65 24.38
C GLU B 89 6.54 2.72 24.64
N LEU B 90 6.78 3.87 24.02
CA LEU B 90 5.77 4.88 23.93
C LEU B 90 4.85 4.49 22.78
N PRO B 91 3.57 4.24 23.10
CA PRO B 91 2.63 3.85 22.06
C PRO B 91 2.64 4.87 20.94
N TYR B 92 2.44 4.39 19.72
CA TYR B 92 2.28 5.21 18.52
C TYR B 92 1.33 6.37 18.81
N LEU B 93 0.30 6.04 19.59
CA LEU B 93 -0.73 6.95 20.02
C LEU B 93 -0.20 8.26 20.58
N TYR B 94 0.68 8.19 21.56
CA TYR B 94 1.32 9.38 22.09
C TYR B 94 2.53 9.78 21.28
N ALA B 95 3.30 8.79 20.88
CA ALA B 95 4.57 9.01 20.20
C ALA B 95 4.43 9.85 18.94
N VAL B 96 3.51 9.50 18.05
CA VAL B 96 3.44 10.24 16.80
C VAL B 96 2.36 11.27 17.03
N GLN B 97 2.80 12.43 17.52
CA GLN B 97 1.91 13.44 18.04
C GLN B 97 2.64 14.76 18.18
N LYS B 98 1.86 15.82 18.32
CA LYS B 98 2.42 17.12 18.71
C LYS B 98 3.00 17.05 20.12
N ALA B 99 3.86 17.99 20.44
CA ALA B 99 4.61 17.98 21.70
C ALA B 99 3.74 17.99 22.95
N ASP B 100 2.65 18.72 22.95
CA ASP B 100 1.82 18.81 24.15
C ASP B 100 1.07 17.50 24.44
N ILE B 101 0.69 16.75 23.39
CA ILE B 101 0.08 15.44 23.56
C ILE B 101 1.12 14.37 23.87
N PHE B 102 2.21 14.44 23.11
CA PHE B 102 3.38 13.59 23.30
C PHE B 102 3.84 13.59 24.77
N ALA B 103 4.02 14.78 25.34
CA ALA B 103 4.49 14.90 26.71
C ALA B 103 3.45 14.41 27.66
N ARG B 104 2.20 14.80 27.38
CA ARG B 104 1.07 14.42 28.20
C ARG B 104 1.03 12.91 28.38
N GLY B 105 1.23 12.20 27.29
CA GLY B 105 1.19 10.75 27.30
C GLY B 105 2.43 10.07 27.82
N SER B 106 3.58 10.62 27.51
CA SER B 106 4.82 10.02 27.97
C SER B 106 5.05 10.24 29.48
N VAL B 107 4.70 11.42 29.99
CA VAL B 107 4.80 11.68 31.42
C VAL B 107 3.79 10.80 32.15
N SER B 108 2.70 10.52 31.46
CA SER B 108 1.65 9.64 31.96
C SER B 108 2.20 8.25 32.27
N ILE B 109 3.00 7.70 31.37
CA ILE B 109 3.54 6.36 31.57
C ILE B 109 4.62 6.31 32.66
N LEU B 110 5.49 7.31 32.69
CA LEU B 110 6.55 7.38 33.70
C LEU B 110 5.96 7.45 35.09
N ASN B 111 4.83 8.12 35.21
CA ASN B 111 4.16 8.24 36.48
C ASN B 111 3.57 6.91 36.95
N GLU B 112 3.03 6.11 36.03
CA GLU B 112 2.48 4.80 36.39
C GLU B 112 3.63 3.89 36.84
N LEU B 113 4.81 4.15 36.31
CA LEU B 113 6.02 3.43 36.74
C LEU B 113 6.70 4.12 37.93
N GLU B 114 6.09 5.19 38.43
CA GLU B 114 6.44 5.79 39.71
C GLU B 114 7.90 6.26 39.79
N CYS B 115 8.41 6.82 38.71
CA CYS B 115 9.72 7.47 38.76
C CYS B 115 9.57 8.72 39.57
N GLU B 116 10.35 8.88 40.62
CA GLU B 116 10.11 10.02 41.46
C GLU B 116 10.58 11.28 40.75
N ALA B 117 11.43 11.11 39.74
CA ALA B 117 11.97 12.25 39.04
C ALA B 117 11.82 12.13 37.55
N LEU B 118 11.77 13.28 36.90
CA LEU B 118 11.85 13.36 35.45
C LEU B 118 13.08 14.19 35.08
N PHE B 119 13.86 13.72 34.11
CA PHE B 119 15.07 14.44 33.69
C PHE B 119 15.05 14.69 32.19
N PHE B 120 15.24 15.95 31.79
CA PHE B 120 15.21 16.32 30.38
C PHE B 120 16.23 17.38 30.04
N GLY B 121 16.90 17.23 28.91
CA GLY B 121 17.89 18.18 28.49
C GLY B 121 17.21 19.40 27.91
N SER B 122 17.81 20.56 28.09
CA SER B 122 17.34 21.76 27.41
C SER B 122 18.54 22.49 26.84
N GLU B 123 18.29 23.65 26.24
CA GLU B 123 19.39 24.50 25.85
C GLU B 123 20.12 24.99 27.09
N ASN B 124 19.35 25.22 28.16
CA ASN B 124 19.92 25.57 29.47
C ASN B 124 20.02 24.37 30.40
N GLY B 125 20.55 24.61 31.59
CA GLY B 125 20.51 23.63 32.66
C GLY B 125 19.51 24.09 33.70
N ASP B 126 18.68 25.06 33.33
CA ASP B 126 17.86 25.78 34.30
C ASP B 126 16.38 25.47 34.20
N ILE B 127 15.86 24.75 35.19
CA ILE B 127 14.45 24.38 35.19
C ILE B 127 13.59 25.49 35.79
N LYS B 128 14.24 26.48 36.38
CA LYS B 128 13.49 27.54 37.07
C LYS B 128 12.64 28.31 36.08
N PRO B 129 13.22 28.86 34.99
CA PRO B 129 12.31 29.54 34.06
C PRO B 129 11.18 28.62 33.54
N PHE B 130 11.42 27.31 33.49
CA PHE B 130 10.38 26.37 33.08
C PHE B 130 9.25 26.38 34.09
N LEU B 131 9.60 26.12 35.34
CA LEU B 131 8.61 26.07 36.42
C LEU B 131 7.93 27.42 36.56
N GLU B 132 8.70 28.49 36.35
CA GLU B 132 8.14 29.84 36.40
C GLU B 132 7.05 29.92 35.38
N THR B 133 7.44 29.67 34.14
CA THR B 133 6.60 29.81 32.98
C THR B 133 5.32 29.02 33.14
N ALA B 134 5.49 27.73 33.41
CA ALA B 134 4.35 26.85 33.58
C ALA B 134 3.40 27.43 34.62
N GLN B 135 3.92 27.72 35.82
CA GLN B 135 3.08 28.21 36.90
C GLN B 135 2.57 29.61 36.59
N LEU B 136 3.33 30.34 35.81
CA LEU B 136 2.91 31.65 35.35
C LEU B 136 1.68 31.53 34.46
N ILE B 137 1.80 30.65 33.48
CA ILE B 137 0.77 30.47 32.49
C ILE B 137 -0.51 29.91 33.07
N ASP B 138 -0.38 28.96 33.99
CA ASP B 138 -1.54 28.37 34.65
C ASP B 138 -2.30 29.40 35.48
N GLU B 139 -1.57 30.36 36.05
CA GLU B 139 -2.19 31.42 36.83
C GLU B 139 -3.06 32.31 35.95
N HIS B 140 -2.59 32.55 34.74
CA HIS B 140 -3.24 33.48 33.82
C HIS B 140 -4.15 32.80 32.79
N LYS B 141 -4.30 31.48 32.87
CA LYS B 141 -4.96 30.70 31.81
C LYS B 141 -6.32 31.27 31.43
N HIS B 142 -6.95 31.96 32.35
CA HIS B 142 -8.20 32.64 32.04
C HIS B 142 -7.94 33.95 31.31
N ILE B 143 -6.85 34.62 31.65
CA ILE B 143 -6.47 35.86 30.98
C ILE B 143 -6.04 35.60 29.53
N LEU B 144 -5.34 34.50 29.32
CA LEU B 144 -4.85 34.13 27.99
C LEU B 144 -5.99 33.89 27.02
N ASN B 145 -6.91 33.03 27.39
CA ASN B 145 -8.04 32.70 26.55
C ASN B 145 -8.89 33.93 26.23
N ASP B 146 -8.76 34.96 27.06
CA ASP B 146 -9.52 36.20 26.89
C ASP B 146 -8.95 37.14 25.84
N ARG B 147 -7.62 37.28 25.80
CA ARG B 147 -6.95 38.11 24.80
C ARG B 147 -6.80 37.37 23.48
N ILE B 148 -6.66 36.05 23.55
CA ILE B 148 -6.76 35.24 22.35
C ILE B 148 -8.10 35.56 21.73
N LYS B 149 -9.15 35.40 22.54
CA LYS B 149 -10.51 35.73 22.16
C LYS B 149 -10.61 37.16 21.61
N GLU B 150 -10.15 38.13 22.38
CA GLU B 150 -10.20 39.54 21.99
C GLU B 150 -9.46 39.77 20.66
N GLU B 151 -8.29 39.15 20.50
CA GLU B 151 -7.52 39.30 19.26
C GLU B 151 -8.10 38.45 18.14
N LEU B 152 -8.66 37.29 18.48
CA LEU B 152 -9.18 36.37 17.49
C LEU B 152 -10.37 36.96 16.74
N LYS B 153 -11.35 37.46 17.49
CA LYS B 153 -12.51 38.03 16.84
C LYS B 153 -12.22 39.49 16.46
N LYS B 154 -11.00 39.92 16.72
CA LYS B 154 -10.53 41.19 16.16
C LYS B 154 -10.04 40.98 14.73
N GLY B 155 -10.05 39.73 14.28
CA GLY B 155 -9.66 39.41 12.92
C GLY B 155 -8.29 38.78 12.76
N ALA B 156 -7.68 38.44 13.90
CA ALA B 156 -6.37 37.78 13.90
C ALA B 156 -6.50 36.27 13.70
N SER B 157 -5.50 35.67 13.06
CA SER B 157 -5.43 34.22 12.95
C SER B 157 -5.21 33.65 14.33
N TYR B 158 -5.49 32.37 14.49
CA TYR B 158 -5.29 31.72 15.77
C TYR B 158 -3.86 31.84 16.32
N PRO B 159 -2.83 31.49 15.52
CA PRO B 159 -1.49 31.54 16.10
C PRO B 159 -1.06 32.96 16.40
N ALA B 160 -1.54 33.89 15.58
CA ALA B 160 -1.27 35.31 15.79
C ALA B 160 -1.93 35.75 17.07
N ALA B 161 -3.11 35.23 17.32
CA ALA B 161 -3.85 35.57 18.52
C ALA B 161 -3.20 34.89 19.70
N ALA B 162 -2.73 33.66 19.45
CA ALA B 162 -2.02 32.92 20.47
C ALA B 162 -0.74 33.63 20.80
N ALA B 163 0.02 33.98 19.77
CA ALA B 163 1.31 34.64 19.93
C ALA B 163 1.16 35.96 20.65
N ILE B 164 0.17 36.73 20.23
CA ILE B 164 -0.03 38.06 20.80
C ILE B 164 -0.44 37.96 22.24
N ALA B 165 -1.45 37.13 22.51
CA ALA B 165 -1.97 36.96 23.85
C ALA B 165 -0.90 36.52 24.84
N PHE B 166 0.02 35.67 24.39
CA PHE B 166 1.10 35.22 25.26
C PHE B 166 2.17 36.27 25.45
N SER B 167 2.43 37.10 24.44
CA SER B 167 3.52 38.07 24.54
C SER B 167 3.30 39.17 25.58
N SER B 168 2.04 39.53 25.82
CA SER B 168 1.73 40.62 26.75
C SER B 168 2.08 40.24 28.18
N ILE B 169 2.04 38.95 28.45
CA ILE B 169 2.40 38.45 29.76
C ILE B 169 3.59 37.50 29.61
N LEU B 170 4.54 37.58 30.54
CA LEU B 170 5.69 36.65 30.60
C LEU B 170 6.76 36.92 29.55
N HIS B 171 6.46 37.66 28.48
CA HIS B 171 7.53 38.04 27.56
C HIS B 171 8.37 39.10 28.26
N THR B 172 9.67 38.86 28.30
CA THR B 172 10.61 39.72 28.98
C THR B 172 11.99 39.15 28.72
N GLU B 173 13.03 39.85 29.15
CA GLU B 173 14.38 39.35 28.93
C GLU B 173 14.66 38.12 29.81
N SER B 174 13.68 37.76 30.64
CA SER B 174 13.71 36.51 31.41
C SER B 174 13.76 35.30 30.48
N ALA B 175 13.57 35.57 29.19
CA ALA B 175 13.83 34.59 28.14
C ALA B 175 13.09 33.27 28.39
N LEU B 176 13.85 32.18 28.41
CA LEU B 176 13.33 30.83 28.10
C LEU B 176 12.79 30.84 26.67
N ASP B 177 13.69 30.84 25.69
CA ASP B 177 13.28 30.79 24.30
C ASP B 177 12.46 29.53 24.08
N LEU B 178 11.22 29.73 23.63
CA LEU B 178 10.34 28.61 23.40
C LEU B 178 10.31 28.21 21.94
N SER B 179 11.15 28.82 21.12
CA SER B 179 11.60 28.05 19.99
C SER B 179 13.08 27.85 20.19
N LYS B 180 13.38 26.77 20.91
CA LYS B 180 14.60 25.99 20.85
C LYS B 180 14.12 24.64 21.34
N PRO B 181 13.25 23.96 20.57
CA PRO B 181 12.25 23.13 21.29
C PRO B 181 12.79 21.91 22.04
N ASN B 182 13.84 22.13 22.82
CA ASN B 182 14.12 21.35 24.00
C ASN B 182 13.09 21.83 25.00
N ASN B 183 13.05 23.15 25.08
CA ASN B 183 12.21 23.88 25.98
C ASN B 183 10.73 23.60 25.73
N ILE B 184 10.34 23.57 24.46
CA ILE B 184 8.96 23.27 24.10
C ILE B 184 8.58 21.97 24.77
N LEU B 185 9.36 20.94 24.51
CA LEU B 185 9.16 19.65 25.15
C LEU B 185 9.19 19.79 26.66
N GLY B 186 10.31 20.29 27.17
CA GLY B 186 10.52 20.41 28.60
C GLY B 186 9.38 21.11 29.30
N TYR B 187 8.93 22.20 28.72
CA TYR B 187 7.78 22.92 29.24
C TYR B 187 6.57 22.01 29.31
N GLN B 188 6.41 21.17 28.29
CA GLN B 188 5.25 20.30 28.25
C GLN B 188 5.38 19.18 29.27
N TYR B 189 6.60 18.67 29.48
CA TYR B 189 6.82 17.72 30.55
C TYR B 189 6.45 18.38 31.88
N VAL B 190 6.98 19.58 32.07
CA VAL B 190 6.76 20.33 33.29
C VAL B 190 5.28 20.63 33.46
N THR B 191 4.64 21.01 32.37
CA THR B 191 3.22 21.31 32.37
C THR B 191 2.41 20.06 32.68
N SER B 192 2.85 18.94 32.12
CA SER B 192 2.17 17.67 32.31
C SER B 192 2.16 17.25 33.77
N ILE B 193 3.30 17.43 34.42
CA ILE B 193 3.45 17.08 35.83
C ILE B 193 2.57 17.92 36.75
N LEU B 194 2.62 19.24 36.60
CA LEU B 194 1.71 20.11 37.35
C LEU B 194 0.27 19.72 37.11
N THR B 195 -0.13 19.73 35.85
CA THR B 195 -1.52 19.54 35.47
C THR B 195 -2.07 18.17 35.85
N GLY B 196 -1.19 17.22 36.11
CA GLY B 196 -1.61 15.88 36.53
C GLY B 196 -1.39 15.62 38.01
N GLY B 197 -0.85 16.60 38.72
CA GLY B 197 -0.61 16.47 40.16
C GLY B 197 0.42 15.40 40.49
N TYR B 198 1.13 14.96 39.46
CA TYR B 198 2.15 13.94 39.57
C TYR B 198 3.25 14.38 40.51
N PRO B 199 3.69 13.47 41.38
CA PRO B 199 4.80 13.71 42.30
C PRO B 199 6.11 13.40 41.59
N MET B 200 6.29 14.05 40.45
CA MET B 200 7.51 13.89 39.68
C MET B 200 8.31 15.16 39.76
N LYS B 201 9.55 15.07 40.24
CA LYS B 201 10.42 16.24 40.27
C LYS B 201 11.29 16.28 39.03
N PRO B 202 11.14 17.35 38.22
CA PRO B 202 11.89 17.54 37.00
C PRO B 202 13.30 18.08 37.24
N TYR B 203 14.21 17.79 36.32
CA TYR B 203 15.55 18.35 36.32
C TYR B 203 15.97 18.60 34.89
N THR B 204 16.98 19.44 34.68
CA THR B 204 17.47 19.65 33.32
C THR B 204 18.94 20.07 33.25
N THR B 205 19.60 19.66 32.18
CA THR B 205 20.97 20.12 31.88
C THR B 205 21.14 20.46 30.40
N ALA B 206 22.06 21.39 30.15
CA ALA B 206 22.25 21.97 28.82
C ALA B 206 22.84 21.01 27.82
N ARG B 207 22.70 21.36 26.55
CA ARG B 207 23.33 20.63 25.46
C ARG B 207 24.55 21.39 24.99
N ILE B 208 25.67 20.67 24.82
CA ILE B 208 26.90 21.26 24.28
C ILE B 208 27.11 20.86 22.82
N SER B 209 27.44 21.86 22.00
CA SER B 209 27.80 21.71 20.60
C SER B 209 26.74 21.08 19.67
N SER B 210 27.16 20.21 18.73
CA SER B 210 26.81 20.48 17.34
C SER B 210 25.35 20.85 17.19
N ASP B 211 25.18 22.13 16.88
CA ASP B 211 23.91 22.79 16.69
C ASP B 211 22.82 22.39 17.68
N TYR B 212 21.66 22.16 17.09
CA TYR B 212 20.53 21.54 17.75
C TYR B 212 20.21 20.40 16.81
N HIS B 213 19.88 20.78 15.58
CA HIS B 213 19.64 19.85 14.51
C HIS B 213 20.65 20.03 13.40
N ASP B 214 20.78 19.00 12.57
CA ASP B 214 21.66 19.01 11.39
C ASP B 214 23.13 19.20 11.75
N ALA B 215 23.76 20.15 11.07
CA ALA B 215 25.20 20.38 11.12
C ALA B 215 26.02 19.18 10.69
N ASP B 216 27.10 18.96 11.44
CA ASP B 216 28.08 17.96 11.10
C ASP B 216 28.66 17.32 12.36
N LEU B 217 29.41 16.25 12.14
CA LEU B 217 30.22 15.61 13.15
C LEU B 217 31.51 16.40 13.43
N PRO B 218 31.71 16.85 14.68
CA PRO B 218 32.89 17.61 15.11
C PRO B 218 34.24 16.89 14.93
N GLU B 219 35.32 17.54 15.38
CA GLU B 219 36.68 17.10 15.09
C GLU B 219 37.26 16.14 16.12
N GLY B 220 36.45 15.72 17.07
CA GLY B 220 36.84 14.61 17.93
C GLY B 220 36.34 14.65 19.35
N GLU B 221 36.97 13.83 20.19
CA GLU B 221 36.81 13.89 21.64
C GLU B 221 35.38 13.69 22.11
N ASN B 222 34.75 12.62 21.63
CA ASN B 222 33.40 12.22 22.04
C ASN B 222 32.42 13.39 22.03
N HIS B 223 32.63 14.31 21.09
CA HIS B 223 32.02 15.64 21.17
C HIS B 223 30.50 15.65 21.02
N ILE B 224 29.91 14.49 20.73
CA ILE B 224 28.46 14.39 20.68
C ILE B 224 27.82 15.32 19.65
N ALA B 225 27.94 14.95 18.38
CA ALA B 225 27.16 15.61 17.34
C ALA B 225 25.68 15.29 17.51
N SER B 226 24.83 16.14 16.94
CA SER B 226 23.39 15.88 16.92
C SER B 226 23.10 14.57 16.19
N ALA B 227 22.05 13.88 16.63
CA ALA B 227 21.66 12.59 16.05
C ALA B 227 21.38 12.75 14.59
N THR B 228 20.82 13.90 14.26
CA THR B 228 20.55 14.29 12.88
C THR B 228 21.80 14.25 12.03
N SER B 229 22.84 14.93 12.50
CA SER B 229 24.13 14.95 11.82
C SER B 229 24.70 13.55 11.67
N ILE B 230 24.35 12.68 12.61
CA ILE B 230 24.79 11.29 12.55
C ILE B 230 23.98 10.53 11.52
N ARG B 231 22.67 10.77 11.50
CA ARG B 231 21.80 10.11 10.52
C ARG B 231 22.26 10.51 9.13
N LYS B 232 22.35 11.82 8.87
CA LYS B 232 22.84 12.30 7.59
C LYS B 232 24.25 11.81 7.30
N ALA B 233 25.00 11.49 8.35
CA ALA B 233 26.33 10.93 8.16
C ALA B 233 26.21 9.45 7.85
N MET B 234 25.19 8.81 8.42
CA MET B 234 24.86 7.42 8.11
C MET B 234 24.10 7.29 6.78
N ILE B 235 23.11 8.16 6.60
CA ILE B 235 22.38 8.29 5.34
C ILE B 235 23.39 8.42 4.21
N GLY B 236 24.43 9.21 4.46
CA GLY B 236 25.51 9.43 3.51
C GLY B 236 26.53 8.30 3.53
N GLN B 237 26.10 7.16 4.07
CA GLN B 237 26.87 5.92 4.04
C GLN B 237 28.18 5.99 4.81
N ASN B 238 28.15 6.68 5.96
CA ASN B 238 29.26 6.59 6.90
C ASN B 238 28.77 6.25 8.31
N LEU B 239 29.06 5.04 8.75
CA LEU B 239 28.88 4.66 10.14
C LEU B 239 30.12 5.08 10.94
N GLU B 240 31.26 4.93 10.28
CA GLU B 240 32.56 5.06 10.93
C GLU B 240 32.96 6.52 11.10
N ALA B 241 32.36 7.40 10.33
CA ALA B 241 32.61 8.82 10.50
C ALA B 241 32.08 9.28 11.86
N CYS B 242 31.08 8.56 12.36
CA CYS B 242 30.43 8.88 13.63
C CYS B 242 30.96 8.09 14.84
N LEU B 243 32.01 7.29 14.64
CA LEU B 243 32.49 6.38 15.68
C LEU B 243 32.86 7.02 17.01
N ARG B 244 33.39 8.24 16.96
CA ARG B 244 33.68 8.93 18.21
C ARG B 244 32.40 9.44 18.84
N PHE B 245 31.33 9.44 18.05
CA PHE B 245 30.04 9.95 18.51
C PHE B 245 29.08 8.87 18.99
N LEU B 246 29.51 7.62 18.92
CA LEU B 246 28.66 6.53 19.40
C LEU B 246 29.34 5.62 20.40
N PRO B 247 28.62 5.22 21.45
CA PRO B 247 29.14 4.14 22.30
C PRO B 247 29.31 2.87 21.49
N ALA B 248 30.14 1.95 21.97
CA ALA B 248 30.38 0.70 21.28
C ALA B 248 29.07 -0.05 21.10
N ALA B 249 28.23 0.02 22.14
CA ALA B 249 26.91 -0.60 22.13
C ALA B 249 26.16 -0.25 20.88
N SER B 250 26.08 1.05 20.65
CA SER B 250 25.22 1.62 19.62
C SER B 250 25.83 1.47 18.24
N ALA B 251 27.15 1.49 18.17
CA ALA B 251 27.82 1.27 16.90
C ALA B 251 27.51 -0.13 16.39
N ARG B 252 27.88 -1.13 17.18
CA ARG B 252 27.78 -2.52 16.79
C ARG B 252 26.34 -2.96 16.53
N GLU B 253 25.39 -2.27 17.14
CA GLU B 253 24.00 -2.68 17.02
C GLU B 253 23.51 -2.31 15.65
N LEU B 254 24.00 -1.17 15.17
CA LEU B 254 23.67 -0.68 13.84
C LEU B 254 24.23 -1.60 12.78
N ALA B 255 25.48 -2.04 12.96
CA ALA B 255 26.11 -2.97 12.05
C ALA B 255 25.24 -4.20 11.84
N ALA B 256 24.85 -4.84 12.92
CA ALA B 256 24.04 -6.06 12.86
C ALA B 256 22.69 -5.81 12.18
N TYR B 257 22.08 -4.66 12.44
CA TYR B 257 20.78 -4.34 11.86
C TYR B 257 20.86 -4.29 10.34
N ARG B 258 21.73 -3.40 9.85
CA ARG B 258 21.97 -3.30 8.43
C ARG B 258 22.34 -4.67 7.86
N LYS B 259 23.32 -5.31 8.48
CA LYS B 259 23.78 -6.61 8.01
C LYS B 259 22.64 -7.61 7.91
N SER B 260 21.71 -7.58 8.87
CA SER B 260 20.60 -8.51 8.82
C SER B 260 19.55 -8.19 7.76
N PHE B 261 19.01 -6.97 7.82
CA PHE B 261 17.90 -6.59 6.97
C PHE B 261 18.27 -5.71 5.77
N GLY B 262 19.54 -5.35 5.65
CA GLY B 262 20.07 -4.68 4.47
C GLY B 262 19.76 -3.21 4.26
N LEU B 263 19.35 -2.51 5.32
CA LEU B 263 18.99 -1.11 5.14
C LEU B 263 19.02 -0.28 6.42
N TRP B 264 19.03 1.03 6.23
CA TRP B 264 18.58 1.96 7.26
C TRP B 264 17.22 2.44 6.78
N HIS B 265 16.30 2.70 7.70
CA HIS B 265 14.96 3.08 7.27
C HIS B 265 14.85 4.59 7.05
N THR B 266 14.51 4.95 5.83
CA THR B 266 14.43 6.34 5.41
C THR B 266 13.02 6.68 4.92
N PRO B 267 12.56 7.92 5.18
CA PRO B 267 11.24 8.37 4.73
C PRO B 267 10.92 8.07 3.25
N GLU B 268 11.90 8.19 2.36
CA GLU B 268 11.63 7.90 0.95
C GLU B 268 11.45 6.41 0.77
N SER B 269 12.05 5.62 1.65
CA SER B 269 11.93 4.17 1.52
C SER B 269 10.50 3.74 1.83
N TYR B 270 9.73 4.65 2.40
CA TYR B 270 8.31 4.43 2.55
C TYR B 270 7.49 5.15 1.46
N PHE B 271 8.15 5.82 0.53
CA PHE B 271 7.42 6.66 -0.43
C PHE B 271 6.54 5.86 -1.39
N SER B 272 6.98 4.65 -1.73
CA SER B 272 6.20 3.84 -2.64
C SER B 272 4.86 3.42 -2.03
N TYR B 273 4.81 3.32 -0.71
CA TYR B 273 3.62 2.84 -0.04
C TYR B 273 2.64 3.98 0.21
N LEU B 274 3.12 5.21 0.04
CA LEU B 274 2.28 6.39 0.17
C LEU B 274 1.47 6.54 -1.09
N LYS B 275 2.10 6.25 -2.21
CA LYS B 275 1.46 6.38 -3.51
C LYS B 275 0.42 5.29 -3.68
N TYR B 276 0.75 4.09 -3.24
CA TYR B 276 -0.22 3.00 -3.23
C TYR B 276 -1.42 3.38 -2.38
N SER B 277 -1.13 3.70 -1.11
CA SER B 277 -2.17 3.99 -0.13
C SER B 277 -3.05 5.12 -0.60
N LEU B 278 -2.44 6.12 -1.24
CA LEU B 278 -3.19 7.27 -1.72
C LEU B 278 -3.87 6.99 -3.05
N SER B 279 -3.45 5.94 -3.74
CA SER B 279 -4.05 5.57 -5.03
C SER B 279 -5.36 4.80 -4.92
N THR B 280 -5.52 4.07 -3.81
CA THR B 280 -6.73 3.30 -3.55
C THR B 280 -7.79 4.03 -2.72
N VAL B 281 -7.45 5.19 -2.18
CA VAL B 281 -8.29 5.83 -1.18
C VAL B 281 -9.21 6.90 -1.82
N THR B 282 -10.48 6.93 -1.40
CA THR B 282 -11.39 8.00 -1.82
C THR B 282 -11.14 9.27 -1.02
N ALA B 283 -11.64 10.39 -1.54
CA ALA B 283 -11.51 11.66 -0.84
C ALA B 283 -12.22 11.68 0.51
N ARG B 284 -13.33 10.95 0.62
CA ARG B 284 -14.05 10.91 1.89
C ARG B 284 -13.34 9.97 2.87
N GLU B 285 -12.78 8.88 2.36
CA GLU B 285 -11.91 8.04 3.16
C GLU B 285 -10.70 8.82 3.68
N LEU B 286 -10.05 9.55 2.79
CA LEU B 286 -8.85 10.29 3.15
C LEU B 286 -9.19 11.40 4.12
N GLN B 287 -10.42 11.88 4.03
CA GLN B 287 -10.93 12.88 4.95
C GLN B 287 -10.94 12.34 6.37
N GLN B 288 -11.09 11.03 6.51
CA GLN B 288 -11.25 10.44 7.83
C GLN B 288 -9.91 10.14 8.52
N VAL B 289 -8.81 10.46 7.87
CA VAL B 289 -7.50 10.16 8.45
C VAL B 289 -7.03 11.28 9.34
N TYR B 290 -6.51 10.88 10.50
CA TYR B 290 -6.01 11.77 11.55
C TYR B 290 -4.95 12.73 11.05
N GLU B 291 -5.13 14.00 11.40
CA GLU B 291 -4.31 15.14 10.97
C GLU B 291 -4.43 15.46 9.48
N VAL B 292 -5.51 15.00 8.85
CA VAL B 292 -5.89 15.55 7.55
C VAL B 292 -7.06 16.48 7.82
N GLU B 293 -6.83 17.80 7.75
CA GLU B 293 -7.91 18.73 8.03
C GLU B 293 -8.83 18.79 6.81
N GLU B 294 -10.10 19.11 7.05
CA GLU B 294 -11.12 19.05 6.02
C GLU B 294 -10.75 19.92 4.81
N GLY B 295 -10.91 19.35 3.62
CA GLY B 295 -10.60 20.04 2.37
C GLY B 295 -9.20 19.82 1.84
N LEU B 296 -8.32 19.25 2.65
CA LEU B 296 -6.94 19.04 2.25
C LEU B 296 -6.79 17.80 1.37
N GLU B 297 -7.66 16.82 1.57
CA GLU B 297 -7.49 15.50 0.94
C GLU B 297 -7.46 15.53 -0.59
N HIS B 298 -8.05 16.55 -1.19
CA HIS B 298 -8.02 16.65 -2.64
C HIS B 298 -6.66 17.11 -3.09
N ARG B 299 -6.08 18.03 -2.33
CA ARG B 299 -4.74 18.51 -2.61
C ARG B 299 -3.77 17.33 -2.51
N ILE B 300 -4.05 16.43 -1.57
CA ILE B 300 -3.22 15.27 -1.30
C ILE B 300 -3.11 14.31 -2.45
N ILE B 301 -4.26 13.82 -2.91
CA ILE B 301 -4.29 12.89 -4.01
C ILE B 301 -3.84 13.56 -5.30
N ARG B 302 -4.13 14.85 -5.41
CA ARG B 302 -3.63 15.67 -6.50
C ARG B 302 -2.10 15.64 -6.53
N SER B 303 -1.47 15.99 -5.42
CA SER B 303 -0.01 16.11 -5.34
C SER B 303 0.75 14.78 -5.42
N ILE B 304 0.17 13.71 -4.89
CA ILE B 304 0.90 12.44 -4.84
C ILE B 304 1.14 11.87 -6.24
N ARG B 305 0.23 12.07 -7.17
CA ARG B 305 0.38 11.42 -8.46
C ARG B 305 1.49 12.07 -9.26
N LYS B 306 1.64 13.38 -9.12
CA LYS B 306 2.65 14.13 -9.88
C LYS B 306 3.96 14.34 -9.12
N SER B 307 4.07 13.76 -7.93
CA SER B 307 5.29 13.89 -7.14
C SER B 307 6.18 12.67 -7.23
N SER B 308 7.35 12.83 -7.84
CA SER B 308 8.27 11.72 -8.05
C SER B 308 9.18 11.54 -6.86
N SER B 309 8.93 12.32 -5.82
CA SER B 309 9.67 12.18 -4.59
C SER B 309 8.85 12.68 -3.43
N TYR B 310 9.07 12.04 -2.28
CA TYR B 310 8.52 12.48 -1.02
C TYR B 310 8.79 13.98 -0.82
N GLN B 311 9.99 14.43 -1.18
CA GLN B 311 10.36 15.85 -1.12
C GLN B 311 9.51 16.73 -2.02
N GLU B 312 9.31 16.27 -3.26
CA GLU B 312 8.45 16.98 -4.20
C GLU B 312 7.05 17.04 -3.66
N PHE B 313 6.63 15.91 -3.12
CA PHE B 313 5.31 15.75 -2.55
C PHE B 313 5.06 16.78 -1.47
N MET B 314 6.03 16.93 -0.58
CA MET B 314 5.92 17.84 0.55
C MET B 314 5.79 19.32 0.16
N GLU B 315 6.50 19.74 -0.88
CA GLU B 315 6.46 21.13 -1.28
C GLU B 315 5.08 21.52 -1.78
N LEU B 316 4.41 20.58 -2.44
CA LEU B 316 3.08 20.85 -2.96
C LEU B 316 2.11 20.86 -1.80
N LEU B 317 2.55 20.23 -0.72
CA LEU B 317 1.69 20.02 0.44
C LEU B 317 1.61 21.21 1.40
N LYS B 318 2.69 21.97 1.50
CA LYS B 318 2.77 22.91 2.62
C LYS B 318 1.75 24.03 2.52
N THR B 319 0.91 24.14 3.56
CA THR B 319 0.12 25.34 3.79
C THR B 319 0.61 25.94 5.09
N LYS B 320 0.06 27.10 5.42
CA LYS B 320 0.52 27.81 6.60
C LYS B 320 -0.07 27.16 7.83
N ARG B 321 -1.24 26.56 7.67
CA ARG B 321 -1.88 25.86 8.78
C ARG B 321 -1.08 24.63 9.20
N TYR B 322 -0.09 24.27 8.38
CA TYR B 322 0.65 23.00 8.55
C TYR B 322 2.15 23.19 8.72
N THR B 323 2.67 22.70 9.84
CA THR B 323 4.11 22.69 10.07
C THR B 323 4.72 21.48 9.40
N TRP B 324 5.95 21.62 8.91
CA TRP B 324 6.56 20.57 8.10
C TRP B 324 6.72 19.27 8.88
N THR B 325 6.71 19.35 10.19
CA THR B 325 6.69 18.13 10.99
C THR B 325 5.28 17.59 11.09
N ARG B 326 4.31 18.49 11.12
CA ARG B 326 2.91 18.12 11.16
C ARG B 326 2.50 17.49 9.85
N LEU B 327 3.16 17.91 8.78
CA LEU B 327 2.96 17.32 7.47
C LEU B 327 3.55 15.92 7.45
N GLN B 328 4.67 15.74 8.15
CA GLN B 328 5.33 14.45 8.19
C GLN B 328 4.57 13.45 9.06
N ARG B 329 4.02 13.92 10.17
CA ARG B 329 3.15 13.09 11.01
C ARG B 329 1.95 12.61 10.20
N MET B 330 1.35 13.50 9.41
CA MET B 330 0.17 13.16 8.60
C MET B 330 0.48 12.07 7.60
N ASN B 331 1.64 12.16 6.95
CA ASN B 331 2.06 11.15 5.99
C ASN B 331 2.14 9.77 6.64
N THR B 332 2.54 9.76 7.91
CA THR B 332 2.64 8.50 8.65
C THR B 332 1.26 7.95 9.06
N HIS B 333 0.38 8.83 9.53
CA HIS B 333 -1.00 8.43 9.80
C HIS B 333 -1.68 7.97 8.52
N ILE B 334 -1.42 8.68 7.43
CA ILE B 334 -1.86 8.25 6.09
C ILE B 334 -1.28 6.88 5.78
N LEU B 335 0.00 6.71 6.10
CA LEU B 335 0.69 5.46 5.91
C LEU B 335 0.09 4.30 6.70
N THR B 336 -0.22 4.55 7.98
CA THR B 336 -0.77 3.52 8.86
C THR B 336 -2.29 3.45 8.82
N ARG B 337 -2.90 4.33 8.05
CA ARG B 337 -4.34 4.45 7.95
C ARG B 337 -4.96 4.54 9.34
N THR B 338 -4.44 5.48 10.13
CA THR B 338 -4.98 5.78 11.44
C THR B 338 -6.07 6.82 11.30
N LYS B 339 -7.22 6.58 11.91
CA LYS B 339 -8.36 7.47 11.74
C LYS B 339 -8.59 8.37 12.95
N LYS B 340 -9.16 9.54 12.70
CA LYS B 340 -9.50 10.50 13.75
C LYS B 340 -10.33 9.94 14.90
N GLN B 341 -11.39 9.21 14.58
CA GLN B 341 -12.31 8.75 15.62
C GLN B 341 -11.63 7.78 16.55
N ASP B 342 -10.77 6.94 15.98
CA ASP B 342 -9.96 6.03 16.76
C ASP B 342 -9.02 6.79 17.66
N MET B 343 -8.40 7.83 17.10
CA MET B 343 -7.49 8.68 17.85
C MET B 343 -8.16 9.33 19.03
N GLN B 344 -9.29 9.97 18.78
CA GLN B 344 -10.05 10.59 19.84
C GLN B 344 -10.47 9.55 20.84
N LYS B 345 -10.73 8.34 20.37
CA LYS B 345 -11.06 7.26 21.28
C LYS B 345 -9.92 7.06 22.27
N LEU B 346 -8.71 6.86 21.75
CA LEU B 346 -7.58 6.56 22.61
C LEU B 346 -6.96 7.77 23.31
N LEU B 347 -7.12 8.95 22.74
CA LEU B 347 -6.58 10.16 23.34
C LEU B 347 -7.48 10.64 24.47
N ASP B 348 -8.75 10.27 24.38
CA ASP B 348 -9.73 10.66 25.39
C ASP B 348 -9.32 10.28 26.80
N ASN B 349 -8.75 9.09 26.94
CA ASN B 349 -8.35 8.59 28.26
C ASN B 349 -7.27 9.46 28.89
N ASP B 350 -7.35 9.59 30.21
CA ASP B 350 -6.47 10.45 30.98
C ASP B 350 -5.23 9.69 31.43
N LYS B 351 -5.24 8.38 31.24
CA LYS B 351 -4.18 7.51 31.71
C LYS B 351 -3.65 6.57 30.63
N ALA B 352 -2.53 5.90 30.92
CA ALA B 352 -1.90 5.01 29.97
C ALA B 352 -2.73 3.74 29.72
N PRO B 353 -2.84 3.31 28.45
CA PRO B 353 -3.64 2.12 28.12
C PRO B 353 -2.97 0.82 28.58
N TYR B 354 -1.64 0.83 28.67
CA TYR B 354 -0.85 -0.34 29.02
C TYR B 354 0.62 0.04 29.13
N ILE B 355 1.38 -0.79 29.83
CA ILE B 355 2.82 -0.63 29.90
C ILE B 355 3.45 -1.72 29.02
N ARG B 356 4.11 -1.32 27.94
CA ARG B 356 4.78 -2.28 27.06
C ARG B 356 6.26 -2.37 27.41
N LEU B 357 6.67 -3.55 27.87
CA LEU B 357 8.04 -3.72 28.34
C LEU B 357 8.93 -4.13 27.19
N LEU B 358 9.80 -3.24 26.74
CA LEU B 358 10.69 -3.58 25.63
C LEU B 358 11.91 -4.34 26.11
N GLY B 359 12.54 -3.82 27.15
CA GLY B 359 13.79 -4.37 27.64
C GLY B 359 14.17 -3.81 29.00
N MET B 360 15.05 -4.54 29.67
CA MET B 360 15.47 -4.19 31.01
C MET B 360 16.81 -4.79 31.32
N THR B 361 17.49 -4.19 32.30
CA THR B 361 18.70 -4.76 32.86
C THR B 361 18.33 -5.36 34.19
N LYS B 362 19.33 -5.86 34.91
CA LYS B 362 19.08 -6.44 36.24
C LYS B 362 18.42 -5.45 37.19
N LYS B 363 19.00 -4.25 37.29
CA LYS B 363 18.41 -3.18 38.07
C LYS B 363 17.00 -2.94 37.56
N GLY B 364 16.84 -2.98 36.25
CA GLY B 364 15.55 -2.82 35.61
C GLY B 364 14.55 -3.82 36.15
N GLN B 365 14.94 -5.09 36.14
CA GLN B 365 14.11 -6.17 36.69
C GLN B 365 13.63 -5.85 38.09
N ALA B 366 14.58 -5.46 38.94
CA ALA B 366 14.32 -5.24 40.35
C ALA B 366 13.25 -4.17 40.56
N TYR B 367 13.27 -3.14 39.73
CA TYR B 367 12.28 -2.07 39.83
C TYR B 367 10.89 -2.61 39.55
N LEU B 368 10.74 -3.21 38.38
CA LEU B 368 9.50 -3.86 37.97
C LEU B 368 8.97 -4.86 39.01
N SER B 369 9.85 -5.67 39.56
CA SER B 369 9.45 -6.64 40.59
C SER B 369 8.81 -5.93 41.76
N GLU B 370 9.44 -4.84 42.18
CA GLU B 370 8.94 -4.04 43.30
C GLU B 370 7.55 -3.48 42.98
N LYS B 371 7.45 -2.74 41.89
CA LYS B 371 6.24 -1.95 41.63
C LYS B 371 5.19 -2.55 40.63
N LYS B 372 5.40 -3.77 40.13
CA LYS B 372 4.44 -4.39 39.19
C LYS B 372 3.01 -4.49 39.73
N LYS B 373 2.90 -4.92 40.98
CA LYS B 373 1.62 -5.01 41.66
C LYS B 373 0.94 -3.65 41.73
N ALA B 374 1.73 -2.61 41.79
CA ALA B 374 1.22 -1.23 41.83
C ALA B 374 0.66 -0.79 40.49
N LEU B 375 1.08 -1.46 39.43
CA LEU B 375 0.63 -1.10 38.10
C LEU B 375 -0.87 -1.23 37.99
N SER B 376 -1.52 -0.15 37.59
CA SER B 376 -2.98 -0.14 37.48
C SER B 376 -3.46 -0.58 36.10
N VAL B 377 -2.51 -0.73 35.16
CA VAL B 377 -2.81 -1.11 33.78
C VAL B 377 -1.95 -2.29 33.39
N PRO B 378 -2.36 -3.02 32.33
CA PRO B 378 -1.61 -4.25 32.02
C PRO B 378 -0.16 -4.05 31.62
N LEU B 379 0.68 -4.91 32.18
CA LEU B 379 2.08 -4.96 31.83
C LEU B 379 2.27 -5.99 30.74
N VAL B 380 2.62 -5.52 29.55
CA VAL B 380 2.70 -6.37 28.37
C VAL B 380 4.14 -6.61 27.97
N SER B 381 4.52 -7.88 27.87
CA SER B 381 5.83 -8.26 27.34
C SER B 381 5.64 -9.12 26.11
N LYS B 382 5.10 -10.32 26.32
CA LYS B 382 4.58 -11.12 25.23
C LYS B 382 3.25 -10.52 24.82
N LEU B 383 3.03 -10.35 23.53
CA LEU B 383 1.78 -9.77 23.07
C LEU B 383 0.56 -10.65 23.37
N SER B 384 0.81 -11.88 23.77
CA SER B 384 -0.25 -12.76 24.22
C SER B 384 -1.01 -12.14 25.39
N SER B 385 -0.26 -11.60 26.34
CA SER B 385 -0.77 -11.17 27.64
C SER B 385 -1.99 -10.26 27.61
N PHE B 386 -2.06 -9.35 26.64
CA PHE B 386 -3.10 -8.33 26.65
C PHE B 386 -3.42 -7.87 25.24
N SER B 387 -4.67 -7.50 24.96
CA SER B 387 -5.00 -6.96 23.64
C SER B 387 -5.85 -5.70 23.74
N HIS B 388 -5.63 -4.78 22.80
CA HIS B 388 -6.09 -3.41 22.98
C HIS B 388 -5.85 -2.67 21.67
N PRO B 389 -6.83 -1.85 21.25
CA PRO B 389 -6.77 -1.08 20.00
C PRO B 389 -5.51 -0.24 19.88
N ALA B 390 -5.06 0.32 21.00
CA ALA B 390 -3.86 1.12 21.04
C ALA B 390 -2.66 0.26 20.74
N LEU B 391 -2.74 -1.00 21.13
CA LEU B 391 -1.68 -1.95 20.86
C LEU B 391 -1.81 -2.47 19.43
N ASP B 392 -3.04 -2.77 19.02
CA ASP B 392 -3.30 -3.15 17.64
C ASP B 392 -2.70 -2.12 16.68
N LEU B 393 -2.63 -0.90 17.15
CA LEU B 393 -2.06 0.20 16.39
C LEU B 393 -0.53 0.11 16.40
N ASP B 394 0.06 -0.12 17.56
CA ASP B 394 1.51 -0.32 17.67
C ASP B 394 1.99 -1.45 16.77
N VAL B 395 1.20 -2.52 16.71
CA VAL B 395 1.53 -3.69 15.91
C VAL B 395 1.48 -3.36 14.42
N LYS B 396 0.38 -2.74 14.02
CA LYS B 396 0.21 -2.28 12.65
C LYS B 396 1.40 -1.44 12.21
N ALA B 397 1.77 -0.50 13.06
CA ALA B 397 2.89 0.40 12.82
C ALA B 397 4.21 -0.34 12.58
N SER B 398 4.44 -1.41 13.34
CA SER B 398 5.65 -2.23 13.14
C SER B 398 5.50 -3.03 11.87
N ARG B 399 4.27 -3.43 11.57
CA ARG B 399 3.98 -4.22 10.38
C ARG B 399 4.18 -3.39 9.14
N ILE B 400 4.06 -2.08 9.32
CA ILE B 400 4.34 -1.12 8.27
C ILE B 400 5.85 -0.79 8.17
N TYR B 401 6.54 -0.80 9.31
CA TYR B 401 7.96 -0.48 9.37
C TYR B 401 8.85 -1.35 8.48
N SER B 402 8.56 -2.64 8.43
CA SER B 402 9.42 -3.62 7.79
C SER B 402 9.22 -3.71 6.29
N LEU B 403 8.21 -3.01 5.78
CA LEU B 403 7.90 -3.08 4.35
C LEU B 403 9.08 -2.77 3.43
N PRO B 404 9.90 -1.77 3.77
CA PRO B 404 11.06 -1.54 2.89
C PRO B 404 12.07 -2.67 2.91
N ILE B 405 12.03 -3.51 3.94
CA ILE B 405 12.96 -4.62 4.01
C ILE B 405 12.67 -5.64 2.92
N GLU B 406 13.71 -6.12 2.26
CA GLU B 406 13.49 -7.02 1.15
C GLU B 406 13.31 -8.44 1.62
N GLU B 407 12.28 -9.07 1.09
CA GLU B 407 11.92 -10.45 1.37
C GLU B 407 13.07 -11.43 1.08
N PRO B 408 13.16 -12.54 1.84
CA PRO B 408 12.38 -12.83 3.04
C PRO B 408 13.05 -12.34 4.30
N LEU B 409 13.56 -11.11 4.29
CA LEU B 409 14.07 -10.50 5.50
C LEU B 409 12.94 -9.72 6.13
N ARG B 410 11.89 -9.54 5.33
CA ARG B 410 10.75 -8.77 5.78
C ARG B 410 9.85 -9.62 6.65
N THR B 411 9.68 -10.89 6.27
CA THR B 411 8.79 -11.77 7.00
C THR B 411 9.47 -12.29 8.26
N GLU B 412 10.79 -12.35 8.21
CA GLU B 412 11.54 -12.69 9.40
C GLU B 412 11.38 -11.57 10.45
N PHE B 413 11.65 -10.34 10.03
CA PHE B 413 11.53 -9.17 10.90
C PHE B 413 10.19 -9.15 11.58
N ASP B 414 9.13 -9.30 10.80
CA ASP B 414 7.79 -9.16 11.32
C ASP B 414 7.50 -10.16 12.42
N LEU B 415 8.28 -11.22 12.48
CA LEU B 415 8.04 -12.28 13.47
C LEU B 415 8.35 -11.81 14.89
N GLN B 416 9.06 -10.70 15.01
CA GLN B 416 9.62 -10.29 16.29
C GLN B 416 8.59 -9.85 17.32
N GLU B 417 7.66 -8.99 16.92
CA GLU B 417 6.75 -8.33 17.85
C GLU B 417 6.10 -9.32 18.81
N TYR B 418 5.65 -10.45 18.29
CA TYR B 418 5.03 -11.47 19.13
C TYR B 418 6.06 -12.36 19.79
N GLY B 419 6.77 -13.12 18.97
CA GLY B 419 7.71 -14.12 19.44
C GLY B 419 8.71 -13.61 20.46
N HIS B 420 9.15 -12.37 20.29
CA HIS B 420 10.22 -11.85 21.13
C HIS B 420 9.79 -11.79 22.59
N ALA B 421 10.58 -12.43 23.44
CA ALA B 421 10.48 -12.20 24.87
C ALA B 421 10.99 -10.80 25.09
N PRO B 422 10.59 -10.16 26.20
CA PRO B 422 11.25 -8.89 26.50
C PRO B 422 12.76 -9.09 26.60
N ILE B 423 13.52 -8.19 26.00
CA ILE B 423 14.99 -8.24 26.03
C ILE B 423 15.49 -8.24 27.46
N ARG B 424 16.53 -9.00 27.73
CA ARG B 424 17.04 -9.11 29.09
C ARG B 424 18.56 -8.95 29.09
N TYR B 425 19.06 -7.97 29.84
CA TYR B 425 20.48 -7.72 29.87
C TYR B 425 21.05 -7.76 31.29
N ASP B 426 22.32 -8.13 31.39
CA ASP B 426 23.01 -8.25 32.66
C ASP B 426 23.99 -7.09 32.83
N GLU B 427 23.66 -6.16 33.72
CA GLU B 427 24.48 -4.97 33.95
C GLU B 427 25.91 -5.38 34.20
N ASP B 428 26.08 -6.22 35.21
CA ASP B 428 27.34 -6.85 35.49
C ASP B 428 27.68 -7.68 34.25
N GLU B 429 28.92 -7.54 33.80
CA GLU B 429 29.15 -7.38 32.37
C GLU B 429 28.51 -8.37 31.38
N GLN B 430 27.82 -7.76 30.42
CA GLN B 430 27.56 -8.33 29.09
C GLN B 430 26.87 -9.69 29.06
N HIS B 431 25.59 -9.72 29.41
CA HIS B 431 24.82 -10.89 29.05
C HIS B 431 23.42 -10.55 28.62
N PHE B 432 23.07 -10.93 27.40
CA PHE B 432 21.68 -10.94 27.03
C PHE B 432 21.21 -12.35 27.28
N LEU B 433 20.33 -12.56 28.25
CA LEU B 433 19.89 -13.93 28.50
C LEU B 433 18.60 -14.17 27.75
N ASN B 434 18.70 -14.88 26.64
CA ASN B 434 17.60 -14.95 25.68
C ASN B 434 17.82 -16.09 24.66
#